data_8D9B
#
_entry.id   8D9B
#
_cell.length_a   74.783
_cell.length_b   91.468
_cell.length_c   96.627
_cell.angle_alpha   90.000
_cell.angle_beta   90.000
_cell.angle_gamma   90.000
#
_symmetry.space_group_name_H-M   'P 21 21 21'
#
loop_
_entity.id
_entity.type
_entity.pdbx_description
1 polymer 'Hdac6 protein'
2 non-polymer 2,3,5,6-tetrafluoro-N-hydroxybenzamide
3 non-polymer 'ZINC ION'
4 non-polymer 'POTASSIUM ION'
5 water water
#
_entity_poly.entity_id   1
_entity_poly.type   'polypeptide(L)'
_entity_poly.pdbx_seq_one_letter_code
;SNAGGSSPITGLVYDQRMMLHHNMWDSHHPELPQRISRIFSRHEELRLLSRCHRIPARLATEEELALCHSSKHISIIKSS
EHMKPRDLNRLGDEYNSIFISNESYTCALLAAGSCFNSAQAILTGQVRNAVAIVRPPGHHAEKDTACGFCFFNTAALTAR
YAQSITRESLRVLIVDWDVHHGNGTQHIFEEDDSVLYISLHRYEDGAFFPNSEDANYDKVGLGKGRGYNVNIPWNGGKMG
DPEYMAAFHHLVMPIAREFAPELVLVSAGFDAARGDPLGGFQVTPEGYAHLTHQLMSLAAGRVLIILEGGYNLTSISESM
SMCTSMLLGDSPPSLDHLTPLKTSATVSINNVLRAHAPFWSSLR
;
_entity_poly.pdbx_strand_id   A,B
#
# COMPACT_ATOMS: atom_id res chain seq x y z
N PRO A 8 7.49 -11.40 -27.10
CA PRO A 8 8.04 -10.48 -26.10
C PRO A 8 7.16 -10.42 -24.85
N ILE A 9 7.11 -11.51 -24.09
CA ILE A 9 6.18 -11.68 -22.98
C ILE A 9 6.94 -11.71 -21.66
N THR A 10 6.36 -11.09 -20.63
CA THR A 10 6.89 -11.11 -19.27
C THR A 10 6.02 -12.01 -18.40
N GLY A 11 6.64 -12.99 -17.73
CA GLY A 11 5.90 -13.85 -16.83
C GLY A 11 5.81 -13.25 -15.43
N LEU A 12 4.77 -13.64 -14.70
CA LEU A 12 4.60 -13.22 -13.32
C LEU A 12 4.09 -14.41 -12.54
N VAL A 13 4.72 -14.72 -11.41
CA VAL A 13 4.18 -15.75 -10.55
C VAL A 13 3.92 -15.16 -9.18
N TYR A 14 2.75 -15.49 -8.63
CA TYR A 14 2.29 -15.06 -7.32
C TYR A 14 1.22 -16.03 -6.88
N ASP A 15 1.28 -16.46 -5.62
CA ASP A 15 0.26 -17.35 -5.08
C ASP A 15 0.00 -16.96 -3.63
N GLN A 16 -1.27 -16.66 -3.33
CA GLN A 16 -1.64 -16.24 -1.98
C GLN A 16 -1.32 -17.28 -0.90
N ARG A 17 -1.15 -18.56 -1.27
CA ARG A 17 -0.87 -19.56 -0.26
C ARG A 17 0.43 -19.27 0.48
N MET A 18 1.35 -18.55 -0.16
CA MET A 18 2.64 -18.23 0.44
C MET A 18 2.48 -17.22 1.58
N MET A 19 1.28 -16.65 1.74
CA MET A 19 0.99 -15.80 2.90
C MET A 19 0.82 -16.61 4.18
N LEU A 20 0.69 -17.93 4.09
CA LEU A 20 0.29 -18.72 5.26
C LEU A 20 1.41 -18.88 6.28
N HIS A 21 2.66 -18.82 5.83
CA HIS A 21 3.81 -18.79 6.70
C HIS A 21 3.75 -17.55 7.60
N HIS A 22 3.81 -17.75 8.91
CA HIS A 22 3.59 -16.62 9.81
C HIS A 22 4.30 -16.84 11.14
N ASN A 23 4.44 -15.75 11.90
CA ASN A 23 5.12 -15.75 13.19
C ASN A 23 4.05 -15.78 14.28
N MET A 24 3.92 -16.91 14.97
CA MET A 24 2.82 -17.01 15.92
C MET A 24 3.11 -16.30 17.24
N TRP A 25 4.38 -16.02 17.55
CA TRP A 25 4.68 -15.24 18.75
C TRP A 25 4.61 -13.74 18.50
N ASP A 26 4.98 -13.30 17.30
CA ASP A 26 5.16 -11.87 16.97
C ASP A 26 4.51 -11.65 15.61
N SER A 27 3.22 -11.33 15.63
CA SER A 27 2.46 -11.11 14.40
C SER A 27 2.91 -9.86 13.64
N HIS A 28 3.72 -9.01 14.26
CA HIS A 28 4.25 -7.82 13.60
C HIS A 28 5.69 -7.99 13.13
N HIS A 29 6.22 -9.21 13.18
CA HIS A 29 7.55 -9.45 12.64
C HIS A 29 7.62 -8.93 11.21
N PRO A 30 8.70 -8.24 10.83
CA PRO A 30 8.69 -7.55 9.52
C PRO A 30 8.58 -8.47 8.31
N GLU A 31 8.91 -9.77 8.41
CA GLU A 31 8.82 -10.62 7.21
C GLU A 31 7.36 -11.10 7.18
N LEU A 32 6.47 -10.18 6.78
CA LEU A 32 5.00 -10.26 6.89
C LEU A 32 4.38 -11.00 5.71
N PRO A 33 3.32 -11.76 5.97
CA PRO A 33 2.52 -12.30 4.86
C PRO A 33 2.17 -11.27 3.80
N GLN A 34 1.77 -10.06 4.22
CA GLN A 34 1.31 -9.07 3.26
C GLN A 34 2.44 -8.46 2.45
N ARG A 35 3.71 -8.85 2.66
CA ARG A 35 4.74 -8.40 1.73
C ARG A 35 4.39 -8.77 0.29
N ILE A 36 3.93 -10.01 0.07
CA ILE A 36 3.69 -10.43 -1.31
C ILE A 36 2.34 -9.94 -1.82
N SER A 37 1.30 -9.90 -0.97
CA SER A 37 0.02 -9.39 -1.46
C SER A 37 0.10 -7.92 -1.78
N ARG A 38 0.92 -7.16 -1.02
CA ARG A 38 1.08 -5.75 -1.33
C ARG A 38 1.77 -5.54 -2.67
N ILE A 39 2.83 -6.31 -2.94
CA ILE A 39 3.50 -6.16 -4.23
C ILE A 39 2.52 -6.53 -5.35
N PHE A 40 1.79 -7.63 -5.18
CA PHE A 40 0.82 -8.06 -6.19
C PHE A 40 -0.24 -6.99 -6.40
N SER A 41 -0.75 -6.42 -5.30
CA SER A 41 -1.76 -5.39 -5.40
C SER A 41 -1.28 -4.18 -6.19
N ARG A 42 -0.01 -3.77 -5.96
CA ARG A 42 0.52 -2.63 -6.69
C ARG A 42 0.62 -2.92 -8.18
N HIS A 43 0.89 -4.19 -8.53
CA HIS A 43 0.87 -4.58 -9.94
C HIS A 43 -0.53 -4.45 -10.53
N GLU A 44 -1.57 -4.85 -9.79
CA GLU A 44 -2.94 -4.64 -10.29
C GLU A 44 -3.25 -3.16 -10.42
N GLU A 45 -2.90 -2.39 -9.39
CA GLU A 45 -3.17 -0.95 -9.34
C GLU A 45 -2.59 -0.22 -10.53
N LEU A 46 -1.36 -0.54 -10.91
CA LEU A 46 -0.70 0.09 -12.03
C LEU A 46 -1.05 -0.56 -13.37
N ARG A 47 -1.96 -1.53 -13.36
CA ARG A 47 -2.38 -2.25 -14.56
C ARG A 47 -1.19 -2.91 -15.24
N LEU A 48 -0.22 -3.37 -14.45
CA LEU A 48 0.87 -4.17 -14.97
C LEU A 48 0.53 -5.64 -15.04
N LEU A 49 -0.40 -6.10 -14.21
CA LEU A 49 -0.66 -7.53 -14.12
C LEU A 49 -1.26 -8.07 -15.41
N SER A 50 -2.23 -7.34 -15.99
CA SER A 50 -2.84 -7.78 -17.24
C SER A 50 -1.86 -7.82 -18.40
N ARG A 51 -0.73 -7.12 -18.29
CA ARG A 51 0.29 -7.12 -19.33
C ARG A 51 1.25 -8.30 -19.20
N CYS A 52 1.18 -9.07 -18.11
CA CYS A 52 2.06 -10.20 -17.91
C CYS A 52 1.31 -11.50 -18.20
N HIS A 53 2.08 -12.54 -18.52
CA HIS A 53 1.55 -13.89 -18.58
C HIS A 53 1.68 -14.52 -17.20
N ARG A 54 0.56 -14.97 -16.63
CA ARG A 54 0.59 -15.57 -15.29
C ARG A 54 1.17 -16.98 -15.36
N ILE A 55 2.25 -17.21 -14.62
CA ILE A 55 2.87 -18.52 -14.50
C ILE A 55 2.40 -19.13 -13.19
N PRO A 56 1.92 -20.37 -13.17
CA PRO A 56 1.41 -20.94 -11.92
C PRO A 56 2.53 -21.32 -10.98
N ALA A 57 2.26 -21.17 -9.68
CA ALA A 57 3.09 -21.75 -8.64
C ALA A 57 2.96 -23.27 -8.66
N ARG A 58 3.99 -23.94 -8.15
CA ARG A 58 3.91 -25.36 -7.83
C ARG A 58 4.84 -25.63 -6.65
N LEU A 59 4.68 -26.83 -6.08
CA LEU A 59 5.57 -27.27 -5.00
C LEU A 59 6.86 -27.79 -5.59
N ALA A 60 8.00 -27.35 -5.05
CA ALA A 60 9.23 -28.05 -5.32
C ALA A 60 9.14 -29.47 -4.77
N THR A 61 9.79 -30.40 -5.46
CA THR A 61 9.91 -31.76 -4.95
C THR A 61 11.13 -31.87 -4.04
N GLU A 62 11.11 -32.91 -3.20
CA GLU A 62 12.25 -33.19 -2.33
C GLU A 62 13.51 -33.46 -3.14
N GLU A 63 13.37 -34.14 -4.29
CA GLU A 63 14.53 -34.36 -5.15
C GLU A 63 15.09 -33.05 -5.68
N GLU A 64 14.21 -32.09 -6.01
CA GLU A 64 14.68 -30.77 -6.42
C GLU A 64 15.40 -30.06 -5.27
N LEU A 65 14.84 -30.13 -4.05
CA LEU A 65 15.51 -29.52 -2.90
C LEU A 65 16.92 -30.07 -2.74
N ALA A 66 17.12 -31.35 -3.07
CA ALA A 66 18.40 -31.98 -2.89
C ALA A 66 19.43 -31.52 -3.91
N LEU A 67 19.05 -30.69 -4.88
CA LEU A 67 20.05 -30.06 -5.73
C LEU A 67 21.01 -29.19 -4.92
N CYS A 68 20.54 -28.60 -3.82
CA CYS A 68 21.36 -27.72 -3.00
C CYS A 68 21.40 -28.06 -1.52
N HIS A 69 20.43 -28.81 -1.01
CA HIS A 69 20.34 -29.01 0.43
C HIS A 69 20.55 -30.46 0.83
N SER A 70 21.05 -30.64 2.04
CA SER A 70 21.30 -31.97 2.59
C SER A 70 19.99 -32.66 2.95
N SER A 71 20.03 -34.00 2.95
CA SER A 71 18.82 -34.72 3.34
C SER A 71 18.45 -34.45 4.79
N LYS A 72 19.43 -34.21 5.66
CA LYS A 72 19.13 -33.89 7.05
C LYS A 72 18.31 -32.61 7.14
N HIS A 73 18.76 -31.57 6.45
CA HIS A 73 18.07 -30.28 6.53
C HIS A 73 16.68 -30.37 5.95
N ILE A 74 16.54 -31.04 4.79
CA ILE A 74 15.21 -31.22 4.18
C ILE A 74 14.29 -31.94 5.14
N SER A 75 14.78 -33.01 5.77
CA SER A 75 13.92 -33.79 6.66
C SER A 75 13.49 -32.98 7.88
N ILE A 76 14.38 -32.16 8.44
CA ILE A 76 14.02 -31.40 9.62
C ILE A 76 12.96 -30.35 9.29
N ILE A 77 13.14 -29.60 8.19
CA ILE A 77 12.14 -28.59 7.86
C ILE A 77 10.83 -29.26 7.47
N LYS A 78 10.91 -30.37 6.73
CA LYS A 78 9.71 -31.12 6.38
C LYS A 78 8.92 -31.52 7.63
N SER A 79 9.62 -31.96 8.68
CA SER A 79 8.95 -32.44 9.88
C SER A 79 8.23 -31.31 10.63
N SER A 80 8.66 -30.06 10.45
CA SER A 80 8.00 -28.97 11.14
C SER A 80 6.53 -28.82 10.73
N GLU A 81 6.15 -29.36 9.56
CA GLU A 81 4.77 -29.26 9.10
C GLU A 81 3.78 -29.82 10.10
N HIS A 82 4.19 -30.80 10.90
CA HIS A 82 3.28 -31.46 11.83
C HIS A 82 3.63 -31.21 13.29
N MET A 83 4.57 -30.31 13.58
CA MET A 83 4.91 -30.05 14.97
C MET A 83 3.89 -29.15 15.66
N LYS A 84 3.75 -29.37 16.97
CA LYS A 84 3.00 -28.48 17.83
C LYS A 84 3.86 -27.25 18.16
N PRO A 85 3.23 -26.16 18.62
CA PRO A 85 3.98 -24.92 18.86
C PRO A 85 5.28 -25.07 19.67
N ARG A 86 5.30 -25.87 20.73
CA ARG A 86 6.50 -25.96 21.55
C ARG A 86 7.66 -26.55 20.76
N ASP A 87 7.36 -27.50 19.87
CA ASP A 87 8.39 -27.98 18.97
C ASP A 87 8.75 -26.92 17.94
N LEU A 88 7.74 -26.20 17.43
CA LEU A 88 7.98 -25.17 16.43
C LEU A 88 8.85 -24.05 16.99
N ASN A 89 8.46 -23.49 18.14
CA ASN A 89 9.26 -22.42 18.75
C ASN A 89 10.65 -22.93 19.10
N ARG A 90 10.74 -24.13 19.66
CA ARG A 90 12.03 -24.69 20.03
C ARG A 90 12.93 -24.88 18.81
N LEU A 91 12.38 -25.43 17.72
CA LEU A 91 13.21 -25.68 16.55
C LEU A 91 13.63 -24.37 15.89
N GLY A 92 12.70 -23.43 15.78
CA GLY A 92 13.02 -22.15 15.17
C GLY A 92 14.11 -21.40 15.92
N ASP A 93 14.03 -21.43 17.27
CA ASP A 93 15.03 -20.76 18.10
C ASP A 93 16.40 -21.38 18.00
N GLU A 94 16.54 -22.57 17.41
CA GLU A 94 17.84 -23.18 17.23
C GLU A 94 18.60 -22.59 16.05
N TYR A 95 17.92 -21.93 15.12
CA TYR A 95 18.57 -21.27 14.00
C TYR A 95 18.82 -19.80 14.31
N ASN A 96 19.66 -19.19 13.48
CA ASN A 96 19.87 -17.75 13.50
C ASN A 96 18.67 -17.07 12.81
N SER A 97 17.80 -16.43 13.59
CA SER A 97 16.75 -15.55 13.05
C SER A 97 15.76 -16.30 12.15
N ILE A 98 15.07 -17.26 12.73
CA ILE A 98 14.04 -18.04 12.05
C ILE A 98 12.80 -18.15 12.93
N PHE A 99 11.62 -17.93 12.33
CA PHE A 99 10.35 -18.37 12.90
C PHE A 99 9.70 -19.39 11.98
N ILE A 100 8.96 -20.32 12.59
CA ILE A 100 8.33 -21.43 11.85
C ILE A 100 6.89 -21.58 12.31
N SER A 101 5.99 -21.78 11.34
CA SER A 101 4.63 -22.26 11.58
C SER A 101 4.44 -23.58 10.81
N ASN A 102 3.27 -24.19 10.99
CA ASN A 102 3.01 -25.48 10.32
C ASN A 102 2.97 -25.34 8.80
N GLU A 103 2.76 -24.13 8.28
CA GLU A 103 2.67 -23.86 6.85
C GLU A 103 4.00 -23.45 6.24
N SER A 104 5.04 -23.28 7.05
CA SER A 104 6.31 -22.74 6.57
C SER A 104 6.94 -23.61 5.48
N TYR A 105 7.01 -24.93 5.71
CA TYR A 105 7.62 -25.83 4.75
C TYR A 105 6.91 -25.75 3.39
N THR A 106 5.59 -25.82 3.40
CA THR A 106 4.83 -25.74 2.15
C THR A 106 5.09 -24.41 1.43
N CYS A 107 5.12 -23.31 2.20
CA CYS A 107 5.36 -22.02 1.56
C CYS A 107 6.76 -21.94 0.96
N ALA A 108 7.76 -22.49 1.66
CA ALA A 108 9.10 -22.54 1.09
C ALA A 108 9.12 -23.39 -0.18
N LEU A 109 8.38 -24.50 -0.18
CA LEU A 109 8.32 -25.33 -1.38
C LEU A 109 7.68 -24.58 -2.54
N LEU A 110 6.62 -23.81 -2.24
CA LEU A 110 5.93 -23.04 -3.27
C LEU A 110 6.80 -21.92 -3.81
N ALA A 111 7.59 -21.28 -2.93
CA ALA A 111 8.47 -20.22 -3.43
C ALA A 111 9.47 -20.80 -4.42
N ALA A 112 10.05 -21.96 -4.09
CA ALA A 112 11.03 -22.57 -4.97
C ALA A 112 10.39 -23.04 -6.27
N GLY A 113 9.26 -23.76 -6.18
CA GLY A 113 8.63 -24.29 -7.38
C GLY A 113 8.10 -23.20 -8.30
N SER A 114 7.65 -22.09 -7.72
CA SER A 114 7.26 -20.93 -8.52
C SER A 114 8.42 -20.44 -9.38
N CYS A 115 9.61 -20.40 -8.79
CA CYS A 115 10.78 -19.94 -9.52
C CYS A 115 11.23 -20.99 -10.53
N PHE A 116 11.09 -22.28 -10.21
CA PHE A 116 11.43 -23.29 -11.22
C PHE A 116 10.53 -23.14 -12.43
N ASN A 117 9.23 -22.97 -12.21
CA ASN A 117 8.31 -22.81 -13.34
C ASN A 117 8.65 -21.58 -14.15
N SER A 118 9.03 -20.48 -13.48
CA SER A 118 9.41 -19.26 -14.18
C SER A 118 10.69 -19.45 -14.98
N ALA A 119 11.70 -20.08 -14.39
CA ALA A 119 12.94 -20.31 -15.13
C ALA A 119 12.68 -21.22 -16.33
N GLN A 120 11.81 -22.21 -16.15
CA GLN A 120 11.46 -23.10 -17.25
C GLN A 120 10.77 -22.34 -18.38
N ALA A 121 9.87 -21.41 -18.02
CA ALA A 121 9.16 -20.62 -19.03
C ALA A 121 10.12 -19.74 -19.82
N ILE A 122 11.13 -19.19 -19.14
CA ILE A 122 12.16 -18.39 -19.81
C ILE A 122 13.02 -19.28 -20.72
N LEU A 123 13.46 -20.42 -20.20
CA LEU A 123 14.44 -21.23 -20.93
C LEU A 123 13.81 -22.00 -22.09
N THR A 124 12.49 -22.13 -22.10
CA THR A 124 11.79 -22.73 -23.24
C THR A 124 11.25 -21.69 -24.20
N GLY A 125 11.52 -20.41 -23.95
CA GLY A 125 11.10 -19.36 -24.85
C GLY A 125 9.63 -19.01 -24.76
N GLN A 126 8.92 -19.47 -23.72
CA GLN A 126 7.52 -19.09 -23.58
C GLN A 126 7.37 -17.65 -23.13
N VAL A 127 8.28 -17.18 -22.26
CA VAL A 127 8.38 -15.78 -21.90
C VAL A 127 9.82 -15.33 -22.12
N ARG A 128 9.99 -14.01 -22.29
CA ARG A 128 11.33 -13.46 -22.41
C ARG A 128 12.00 -13.33 -21.04
N ASN A 129 11.21 -12.99 -20.03
CA ASN A 129 11.72 -12.69 -18.69
C ASN A 129 10.55 -12.86 -17.72
N ALA A 130 10.82 -12.67 -16.43
CA ALA A 130 9.75 -12.97 -15.47
C ALA A 130 10.09 -12.41 -14.10
N VAL A 131 9.04 -12.27 -13.29
CA VAL A 131 9.12 -11.77 -11.93
C VAL A 131 8.41 -12.76 -11.00
N ALA A 132 9.02 -13.02 -9.85
CA ALA A 132 8.50 -14.01 -8.90
C ALA A 132 8.25 -13.34 -7.56
N ILE A 133 6.98 -13.19 -7.20
CA ILE A 133 6.57 -12.50 -5.98
C ILE A 133 6.35 -13.58 -4.93
N VAL A 134 7.42 -13.93 -4.22
CA VAL A 134 7.45 -15.14 -3.38
C VAL A 134 7.97 -14.83 -1.99
N ARG A 135 7.55 -15.66 -1.02
CA ARG A 135 8.09 -15.69 0.33
C ARG A 135 7.83 -17.09 0.90
N PRO A 136 8.57 -17.50 1.95
CA PRO A 136 9.70 -16.83 2.61
C PRO A 136 10.87 -16.70 1.66
N PRO A 137 11.80 -15.81 1.99
CA PRO A 137 12.98 -15.60 1.13
C PRO A 137 13.96 -16.77 1.18
N GLY A 138 15.04 -16.66 0.41
CA GLY A 138 15.94 -17.78 0.25
C GLY A 138 17.43 -17.58 0.50
N HIS A 139 18.00 -16.37 0.34
CA HIS A 139 19.42 -16.27 0.05
C HIS A 139 20.32 -16.50 1.26
N HIS A 140 19.79 -16.50 2.48
CA HIS A 140 20.57 -16.85 3.65
C HIS A 140 20.59 -18.35 3.94
N ALA A 141 19.69 -19.13 3.32
CA ALA A 141 19.65 -20.56 3.60
C ALA A 141 20.90 -21.25 3.09
N GLU A 142 21.48 -22.11 3.92
CA GLU A 142 22.68 -22.87 3.56
C GLU A 142 22.30 -24.28 3.14
N LYS A 143 23.29 -25.01 2.64
CA LYS A 143 23.05 -26.40 2.28
C LYS A 143 22.43 -27.17 3.45
N ASP A 144 22.93 -26.96 4.67
CA ASP A 144 22.55 -27.79 5.79
C ASP A 144 21.77 -27.05 6.88
N THR A 145 21.34 -25.81 6.66
CA THR A 145 20.63 -25.13 7.73
C THR A 145 19.84 -23.94 7.20
N ALA A 146 18.81 -23.55 7.95
CA ALA A 146 18.02 -22.36 7.72
C ALA A 146 18.66 -21.16 8.41
N CYS A 147 18.36 -19.97 7.90
CA CYS A 147 18.99 -18.78 8.46
C CYS A 147 18.27 -17.54 7.94
N GLY A 148 18.18 -16.52 8.79
CA GLY A 148 17.76 -15.20 8.36
C GLY A 148 16.47 -15.17 7.56
N PHE A 149 15.43 -15.80 8.10
CA PHE A 149 14.07 -15.84 7.54
C PHE A 149 13.97 -16.82 6.37
N CYS A 150 15.04 -17.55 6.02
CA CYS A 150 15.12 -18.37 4.82
C CYS A 150 15.23 -19.84 5.19
N PHE A 151 14.44 -20.69 4.52
CA PHE A 151 14.49 -22.13 4.76
C PHE A 151 15.25 -22.88 3.68
N PHE A 152 14.93 -22.64 2.41
CA PHE A 152 15.65 -23.23 1.29
C PHE A 152 16.11 -22.10 0.38
N ASN A 153 17.24 -22.31 -0.30
CA ASN A 153 17.83 -21.21 -1.07
C ASN A 153 17.20 -21.21 -2.45
N THR A 154 16.10 -20.47 -2.55
CA THR A 154 15.29 -20.42 -3.76
C THR A 154 16.11 -20.08 -5.01
N ALA A 155 16.93 -19.03 -4.94
CA ALA A 155 17.70 -18.63 -6.12
C ALA A 155 18.76 -19.67 -6.48
N ALA A 156 19.46 -20.21 -5.48
CA ALA A 156 20.45 -21.25 -5.74
C ALA A 156 19.79 -22.48 -6.34
N LEU A 157 18.65 -22.90 -5.79
CA LEU A 157 17.90 -24.03 -6.33
C LEU A 157 17.49 -23.78 -7.78
N THR A 158 17.05 -22.55 -8.08
CA THR A 158 16.61 -22.22 -9.43
C THR A 158 17.77 -22.29 -10.42
N ALA A 159 18.96 -21.86 -9.99
CA ALA A 159 20.14 -21.99 -10.85
C ALA A 159 20.41 -23.45 -11.19
N ARG A 160 20.39 -24.32 -10.17
CA ARG A 160 20.63 -25.75 -10.42
C ARG A 160 19.47 -26.37 -11.20
N TYR A 161 18.23 -25.97 -10.92
CA TYR A 161 17.11 -26.49 -11.68
C TYR A 161 17.26 -26.12 -13.15
N ALA A 162 17.62 -24.86 -13.43
CA ALA A 162 17.83 -24.44 -14.82
C ALA A 162 18.88 -25.30 -15.50
N GLN A 163 19.98 -25.59 -14.81
CA GLN A 163 21.02 -26.44 -15.38
C GLN A 163 20.49 -27.84 -15.66
N SER A 164 19.61 -28.33 -14.78
CA SER A 164 19.09 -29.70 -14.91
C SER A 164 18.16 -29.85 -16.12
N ILE A 165 17.51 -28.77 -16.57
CA ILE A 165 16.65 -28.88 -17.76
C ILE A 165 17.31 -28.34 -19.02
N THR A 166 18.58 -27.91 -18.93
CA THR A 166 19.28 -27.45 -20.12
C THR A 166 20.57 -28.25 -20.25
N ARG A 167 21.69 -27.71 -19.75
CA ARG A 167 22.90 -28.51 -19.66
C ARG A 167 23.61 -28.17 -18.37
N GLU A 168 24.38 -29.14 -17.87
CA GLU A 168 24.89 -29.03 -16.50
C GLU A 168 25.72 -27.78 -16.29
N SER A 169 26.39 -27.30 -17.34
CA SER A 169 27.30 -26.16 -17.27
C SER A 169 26.67 -24.85 -17.77
N LEU A 170 25.35 -24.79 -17.86
CA LEU A 170 24.69 -23.53 -18.21
C LEU A 170 25.18 -22.41 -17.31
N ARG A 171 25.57 -21.29 -17.92
CA ARG A 171 26.17 -20.19 -17.19
C ARG A 171 25.05 -19.36 -16.58
N VAL A 172 24.95 -19.37 -15.27
CA VAL A 172 23.89 -18.64 -14.58
C VAL A 172 24.57 -17.54 -13.78
N LEU A 173 24.15 -16.30 -14.01
CA LEU A 173 24.56 -15.18 -13.17
C LEU A 173 23.48 -14.94 -12.14
N ILE A 174 23.88 -14.86 -10.87
CA ILE A 174 23.01 -14.43 -9.78
C ILE A 174 23.50 -13.07 -9.32
N VAL A 175 22.68 -12.04 -9.50
CA VAL A 175 22.95 -10.71 -8.95
C VAL A 175 22.06 -10.56 -7.72
N ASP A 176 22.68 -10.35 -6.55
CA ASP A 176 21.98 -10.28 -5.27
C ASP A 176 22.03 -8.84 -4.80
N TRP A 177 20.96 -8.09 -5.01
CA TRP A 177 20.96 -6.69 -4.59
C TRP A 177 20.14 -6.45 -3.33
N ASP A 178 19.66 -7.51 -2.68
CA ASP A 178 19.25 -7.41 -1.29
C ASP A 178 20.34 -6.71 -0.49
N VAL A 179 19.94 -5.91 0.49
CA VAL A 179 20.93 -5.13 1.24
C VAL A 179 21.84 -6.02 2.09
N HIS A 180 21.45 -7.28 2.33
CA HIS A 180 22.25 -8.21 3.10
C HIS A 180 23.01 -9.17 2.19
N HIS A 181 24.17 -9.61 2.67
CA HIS A 181 24.92 -10.62 1.94
C HIS A 181 24.16 -11.94 1.87
N GLY A 182 24.13 -12.55 0.70
CA GLY A 182 23.56 -13.87 0.57
C GLY A 182 24.56 -14.96 0.90
N ASN A 183 24.80 -15.15 2.20
CA ASN A 183 25.83 -16.09 2.64
C ASN A 183 25.58 -17.50 2.09
N GLY A 184 24.31 -17.92 2.06
CA GLY A 184 24.00 -19.24 1.56
C GLY A 184 24.32 -19.38 0.08
N THR A 185 23.96 -18.38 -0.73
CA THR A 185 24.24 -18.47 -2.16
C THR A 185 25.74 -18.49 -2.40
N GLN A 186 26.49 -17.63 -1.71
CA GLN A 186 27.94 -17.64 -1.88
C GLN A 186 28.52 -19.02 -1.55
N HIS A 187 28.11 -19.59 -0.42
CA HIS A 187 28.70 -20.87 -0.01
C HIS A 187 28.29 -22.00 -0.96
N ILE A 188 27.03 -22.00 -1.43
CA ILE A 188 26.57 -23.10 -2.27
C ILE A 188 27.39 -23.15 -3.56
N PHE A 189 27.76 -21.98 -4.11
CA PHE A 189 28.45 -21.93 -5.38
C PHE A 189 29.93 -21.55 -5.26
N GLU A 190 30.50 -21.58 -4.06
CA GLU A 190 31.81 -20.97 -3.88
C GLU A 190 32.89 -21.68 -4.68
N GLU A 191 32.72 -22.98 -4.92
CA GLU A 191 33.67 -23.75 -5.73
C GLU A 191 33.18 -24.01 -7.15
N ASP A 192 32.26 -23.18 -7.65
CA ASP A 192 31.59 -23.41 -8.93
C ASP A 192 31.90 -22.27 -9.90
N ASP A 193 32.35 -22.62 -11.10
CA ASP A 193 32.56 -21.64 -12.16
C ASP A 193 31.39 -21.55 -13.13
N SER A 194 30.33 -22.32 -12.91
CA SER A 194 29.17 -22.24 -13.80
C SER A 194 28.11 -21.28 -13.29
N VAL A 195 28.19 -20.89 -12.02
CA VAL A 195 27.26 -19.94 -11.42
C VAL A 195 28.08 -18.79 -10.85
N LEU A 196 27.98 -17.62 -11.49
CA LEU A 196 28.67 -16.42 -11.03
C LEU A 196 27.78 -15.71 -10.04
N TYR A 197 28.27 -15.52 -8.81
CA TYR A 197 27.54 -14.83 -7.75
C TYR A 197 28.11 -13.42 -7.57
N ILE A 198 27.26 -12.41 -7.74
CA ILE A 198 27.63 -11.01 -7.50
C ILE A 198 26.67 -10.46 -6.46
N SER A 199 27.20 -10.07 -5.30
CA SER A 199 26.37 -9.48 -4.24
C SER A 199 26.83 -8.06 -3.94
N LEU A 200 25.87 -7.14 -3.83
CA LEU A 200 26.09 -5.84 -3.22
C LEU A 200 25.40 -5.87 -1.86
N HIS A 201 26.07 -5.35 -0.83
CA HIS A 201 25.48 -5.48 0.49
C HIS A 201 26.10 -4.51 1.48
N ARG A 202 25.29 -4.06 2.42
CA ARG A 202 25.82 -3.33 3.55
C ARG A 202 26.68 -4.27 4.38
N TYR A 203 27.94 -3.88 4.62
CA TYR A 203 28.90 -4.73 5.31
C TYR A 203 29.31 -4.17 6.67
N GLU A 204 29.72 -2.91 6.71
CA GLU A 204 30.15 -2.25 7.95
C GLU A 204 31.23 -3.07 8.66
N ASP A 205 32.23 -3.49 7.89
CA ASP A 205 33.39 -4.21 8.42
C ASP A 205 32.97 -5.50 9.14
N GLY A 206 31.84 -6.09 8.75
CA GLY A 206 31.35 -7.29 9.38
C GLY A 206 30.30 -7.12 10.48
N ALA A 207 29.90 -5.89 10.80
CA ALA A 207 28.95 -5.67 11.88
C ALA A 207 27.49 -5.76 11.45
N PHE A 208 27.21 -5.83 10.16
CA PHE A 208 25.84 -5.87 9.65
C PHE A 208 25.44 -7.32 9.36
N PHE A 209 24.19 -7.67 9.66
CA PHE A 209 23.71 -9.03 9.41
C PHE A 209 24.05 -9.45 7.99
N PRO A 210 24.51 -10.70 7.76
CA PRO A 210 24.62 -11.81 8.71
C PRO A 210 25.92 -11.87 9.51
N ASN A 211 26.68 -10.77 9.59
CA ASN A 211 27.73 -10.60 10.62
C ASN A 211 28.94 -11.50 10.39
N SER A 212 29.33 -11.69 9.13
CA SER A 212 30.47 -12.55 8.80
C SER A 212 31.42 -11.87 7.83
N GLU A 213 32.73 -12.03 8.06
CA GLU A 213 33.68 -11.50 7.10
C GLU A 213 33.70 -12.28 5.79
N ASP A 214 32.90 -13.36 5.68
CA ASP A 214 32.66 -14.00 4.39
C ASP A 214 32.15 -13.03 3.33
N ALA A 215 31.56 -11.92 3.75
CA ALA A 215 30.98 -10.94 2.83
C ALA A 215 31.99 -9.93 2.31
N ASN A 216 33.25 -9.99 2.72
CA ASN A 216 34.18 -8.97 2.26
C ASN A 216 34.61 -9.19 0.81
N TYR A 217 35.20 -8.15 0.22
CA TYR A 217 35.59 -8.15 -1.19
C TYR A 217 36.70 -9.16 -1.50
N ASP A 218 37.44 -9.62 -0.50
CA ASP A 218 38.56 -10.49 -0.82
C ASP A 218 38.15 -11.95 -0.96
N LYS A 219 36.87 -12.27 -0.73
CA LYS A 219 36.38 -13.63 -0.93
C LYS A 219 35.95 -13.74 -2.38
N VAL A 220 36.81 -14.36 -3.21
CA VAL A 220 36.67 -14.33 -4.65
C VAL A 220 36.28 -15.68 -5.22
N GLY A 221 36.05 -16.67 -4.38
CA GLY A 221 35.76 -18.03 -4.80
C GLY A 221 36.91 -18.97 -4.47
N LEU A 222 36.60 -20.27 -4.54
CA LEU A 222 37.56 -21.30 -4.16
C LEU A 222 37.68 -22.34 -5.26
N GLY A 223 38.89 -22.87 -5.43
CA GLY A 223 39.08 -23.92 -6.41
C GLY A 223 38.73 -23.48 -7.82
N LYS A 224 37.95 -24.31 -8.52
CA LYS A 224 37.45 -23.96 -9.84
C LYS A 224 36.64 -22.67 -9.82
N GLY A 225 36.11 -22.28 -8.66
CA GLY A 225 35.31 -21.09 -8.55
C GLY A 225 36.09 -19.80 -8.34
N ARG A 226 37.41 -19.83 -8.40
CA ARG A 226 38.18 -18.63 -8.12
C ARG A 226 37.89 -17.59 -9.19
N GLY A 227 37.47 -16.40 -8.76
CA GLY A 227 37.02 -15.37 -9.65
C GLY A 227 35.52 -15.31 -9.86
N TYR A 228 34.76 -16.31 -9.42
CA TYR A 228 33.34 -16.38 -9.72
C TYR A 228 32.46 -16.05 -8.51
N ASN A 229 33.04 -15.39 -7.51
CA ASN A 229 32.29 -14.85 -6.39
C ASN A 229 32.73 -13.40 -6.23
N VAL A 230 31.79 -12.46 -6.38
CA VAL A 230 32.11 -11.04 -6.40
C VAL A 230 31.31 -10.37 -5.30
N ASN A 231 31.97 -10.00 -4.22
CA ASN A 231 31.34 -9.28 -3.11
C ASN A 231 31.64 -7.79 -3.24
N ILE A 232 30.59 -6.97 -3.26
CA ILE A 232 30.71 -5.51 -3.27
C ILE A 232 30.18 -4.99 -1.94
N PRO A 233 31.06 -4.79 -0.95
CA PRO A 233 30.58 -4.47 0.40
C PRO A 233 30.63 -2.97 0.70
N TRP A 234 29.58 -2.43 1.30
CA TRP A 234 29.48 -1.01 1.63
C TRP A 234 29.81 -0.78 3.09
N ASN A 235 30.58 0.27 3.36
CA ASN A 235 30.91 0.67 4.73
C ASN A 235 30.68 2.16 4.90
N GLY A 236 30.20 2.55 6.08
CA GLY A 236 30.20 3.93 6.54
C GLY A 236 29.56 4.93 5.61
N GLY A 237 28.31 4.66 5.22
CA GLY A 237 27.60 5.55 4.34
C GLY A 237 26.20 5.08 4.03
N LYS A 238 25.29 6.04 3.86
CA LYS A 238 23.91 5.75 3.49
CA LYS A 238 23.91 5.75 3.49
C LYS A 238 23.86 5.71 1.97
N MET A 239 24.11 4.53 1.42
CA MET A 239 24.21 4.37 -0.02
C MET A 239 22.84 4.42 -0.69
N GLY A 240 22.84 4.87 -1.93
CA GLY A 240 21.63 4.98 -2.72
C GLY A 240 21.97 4.88 -4.19
N ASP A 241 21.13 5.51 -5.03
CA ASP A 241 21.28 5.36 -6.47
C ASP A 241 22.67 5.69 -6.99
N PRO A 242 23.34 6.78 -6.57
CA PRO A 242 24.68 7.06 -7.13
C PRO A 242 25.65 5.90 -6.94
N GLU A 243 25.70 5.34 -5.74
CA GLU A 243 26.65 4.28 -5.44
C GLU A 243 26.32 3.00 -6.19
N TYR A 244 25.03 2.65 -6.28
CA TYR A 244 24.64 1.43 -6.98
C TYR A 244 24.83 1.55 -8.49
N MET A 245 24.49 2.71 -9.08
CA MET A 245 24.81 2.94 -10.49
C MET A 245 26.30 2.80 -10.77
N ALA A 246 27.14 3.34 -9.88
CA ALA A 246 28.58 3.27 -10.11
C ALA A 246 29.08 1.84 -10.01
N ALA A 247 28.61 1.10 -9.00
CA ALA A 247 28.97 -0.31 -8.87
C ALA A 247 28.56 -1.11 -10.10
N PHE A 248 27.38 -0.81 -10.68
CA PHE A 248 26.98 -1.52 -11.89
C PHE A 248 27.86 -1.14 -13.07
N HIS A 249 28.20 0.15 -13.20
CA HIS A 249 28.96 0.61 -14.35
C HIS A 249 30.39 0.06 -14.34
N HIS A 250 31.02 0.06 -13.17
CA HIS A 250 32.43 -0.33 -13.08
C HIS A 250 32.64 -1.82 -12.84
N LEU A 251 31.70 -2.49 -12.17
CA LEU A 251 31.95 -3.86 -11.71
C LEU A 251 30.91 -4.83 -12.25
N VAL A 252 29.63 -4.67 -11.89
CA VAL A 252 28.64 -5.70 -12.20
C VAL A 252 28.54 -5.95 -13.70
N MET A 253 28.36 -4.89 -14.49
CA MET A 253 28.10 -5.15 -15.91
C MET A 253 29.34 -5.54 -16.70
N PRO A 254 30.52 -4.95 -16.47
CA PRO A 254 31.72 -5.47 -17.17
C PRO A 254 31.99 -6.94 -16.89
N ILE A 255 31.95 -7.34 -15.62
CA ILE A 255 32.16 -8.75 -15.25
C ILE A 255 31.07 -9.62 -15.87
N ALA A 256 29.80 -9.20 -15.73
CA ALA A 256 28.71 -10.00 -16.27
C ALA A 256 28.83 -10.18 -17.78
N ARG A 257 29.18 -9.12 -18.52
CA ARG A 257 29.28 -9.24 -19.97
C ARG A 257 30.37 -10.23 -20.37
N GLU A 258 31.49 -10.21 -19.63
CA GLU A 258 32.59 -11.12 -19.90
C GLU A 258 32.22 -12.56 -19.59
N PHE A 259 31.48 -12.76 -18.48
CA PHE A 259 31.00 -14.09 -18.13
C PHE A 259 30.04 -14.64 -19.18
N ALA A 260 29.28 -13.76 -19.87
CA ALA A 260 28.31 -14.10 -20.90
C ALA A 260 27.28 -15.09 -20.36
N PRO A 261 26.47 -14.69 -19.39
CA PRO A 261 25.52 -15.64 -18.81
C PRO A 261 24.46 -16.03 -19.84
N GLU A 262 23.93 -17.24 -19.64
CA GLU A 262 22.82 -17.72 -20.46
C GLU A 262 21.48 -17.57 -19.73
N LEU A 263 21.52 -17.21 -18.45
CA LEU A 263 20.34 -16.94 -17.63
C LEU A 263 20.79 -15.99 -16.52
N VAL A 264 19.98 -14.98 -16.23
CA VAL A 264 20.25 -14.08 -15.11
C VAL A 264 19.17 -14.26 -14.06
N LEU A 265 19.58 -14.52 -12.82
CA LEU A 265 18.65 -14.53 -11.71
C LEU A 265 18.98 -13.34 -10.83
N VAL A 266 17.96 -12.63 -10.40
CA VAL A 266 18.15 -11.52 -9.46
C VAL A 266 17.60 -11.95 -8.11
N SER A 267 18.46 -12.01 -7.11
CA SER A 267 18.04 -12.14 -5.72
C SER A 267 17.65 -10.72 -5.34
N ALA A 268 16.38 -10.40 -5.61
CA ALA A 268 15.89 -9.02 -5.58
C ALA A 268 15.22 -8.76 -4.23
N GLY A 269 16.05 -8.56 -3.22
CA GLY A 269 15.57 -7.94 -1.99
C GLY A 269 15.41 -6.45 -2.21
N PHE A 270 14.40 -5.86 -1.56
CA PHE A 270 14.18 -4.42 -1.70
C PHE A 270 14.37 -3.74 -0.35
N ASP A 271 15.29 -4.28 0.46
CA ASP A 271 15.60 -3.68 1.75
C ASP A 271 16.74 -2.68 1.68
N ALA A 272 17.36 -2.49 0.52
CA ALA A 272 18.20 -1.31 0.35
C ALA A 272 17.39 -0.08 -0.01
N ALA A 273 16.05 -0.19 -0.03
CA ALA A 273 15.23 0.89 -0.56
C ALA A 273 15.08 2.02 0.46
N ARG A 274 14.95 3.24 -0.08
CA ARG A 274 14.45 4.35 0.71
C ARG A 274 13.21 3.94 1.51
N GLY A 275 13.25 4.16 2.82
CA GLY A 275 12.14 3.86 3.71
C GLY A 275 12.20 2.52 4.40
N ASP A 276 13.14 1.64 4.02
CA ASP A 276 13.19 0.34 4.67
C ASP A 276 13.52 0.51 6.14
N PRO A 277 12.84 -0.21 7.03
CA PRO A 277 13.11 -0.08 8.48
C PRO A 277 14.40 -0.75 8.93
N LEU A 278 14.99 -1.63 8.11
CA LEU A 278 16.16 -2.38 8.51
C LEU A 278 17.42 -2.04 7.73
N GLY A 279 17.30 -1.68 6.46
CA GLY A 279 18.48 -1.57 5.61
C GLY A 279 19.27 -0.28 5.85
N GLY A 280 18.58 0.82 6.10
CA GLY A 280 19.28 2.09 6.31
C GLY A 280 19.81 2.76 5.05
N PHE A 281 19.41 2.30 3.86
CA PHE A 281 19.89 2.81 2.58
C PHE A 281 18.76 3.57 1.87
N GLN A 282 19.05 4.10 0.68
CA GLN A 282 18.09 4.99 0.03
C GLN A 282 18.05 4.80 -1.49
N VAL A 283 18.16 3.55 -1.96
CA VAL A 283 17.92 3.26 -3.37
C VAL A 283 16.46 3.55 -3.70
N THR A 284 16.21 4.21 -4.83
CA THR A 284 14.85 4.61 -5.16
C THR A 284 14.19 3.59 -6.09
N PRO A 285 12.87 3.70 -6.30
CA PRO A 285 12.25 2.82 -7.28
C PRO A 285 12.83 3.03 -8.67
N GLU A 286 13.12 4.29 -9.03
CA GLU A 286 13.75 4.56 -10.32
C GLU A 286 15.13 3.92 -10.38
N GLY A 287 15.84 3.89 -9.26
CA GLY A 287 17.13 3.23 -9.21
C GLY A 287 17.03 1.75 -9.53
N TYR A 288 16.11 1.05 -8.86
CA TYR A 288 15.91 -0.37 -9.15
C TYR A 288 15.50 -0.58 -10.60
N ALA A 289 14.68 0.32 -11.14
CA ALA A 289 14.31 0.22 -12.55
C ALA A 289 15.54 0.28 -13.45
N HIS A 290 16.48 1.18 -13.13
CA HIS A 290 17.70 1.28 -13.94
C HIS A 290 18.57 0.05 -13.79
N LEU A 291 18.68 -0.49 -12.57
CA LEU A 291 19.46 -1.72 -12.41
C LEU A 291 18.86 -2.86 -13.23
N THR A 292 17.53 -3.01 -13.15
CA THR A 292 16.85 -4.02 -13.96
C THR A 292 17.12 -3.82 -15.44
N HIS A 293 17.00 -2.58 -15.91
CA HIS A 293 17.13 -2.31 -17.34
C HIS A 293 18.53 -2.68 -17.82
N GLN A 294 19.54 -2.45 -16.99
CA GLN A 294 20.90 -2.82 -17.37
C GLN A 294 21.03 -4.34 -17.48
N LEU A 295 20.48 -5.07 -16.51
CA LEU A 295 20.59 -6.53 -16.55
C LEU A 295 19.85 -7.14 -17.73
N MET A 296 18.79 -6.50 -18.24
CA MET A 296 18.17 -7.10 -19.43
C MET A 296 19.01 -6.97 -20.69
N SER A 297 20.15 -6.28 -20.66
CA SER A 297 21.05 -6.34 -21.80
C SER A 297 21.87 -7.63 -21.83
N LEU A 298 21.76 -8.47 -20.80
CA LEU A 298 22.52 -9.71 -20.70
C LEU A 298 21.63 -10.91 -21.03
N ALA A 299 22.28 -12.00 -21.44
CA ALA A 299 21.63 -13.30 -21.62
C ALA A 299 20.46 -13.26 -22.61
N ALA A 300 20.56 -12.41 -23.63
CA ALA A 300 19.47 -12.23 -24.59
C ALA A 300 18.16 -11.88 -23.87
N GLY A 301 18.30 -11.15 -22.76
CA GLY A 301 17.15 -10.67 -22.02
C GLY A 301 16.56 -11.67 -21.04
N ARG A 302 17.16 -12.83 -20.85
CA ARG A 302 16.57 -13.88 -20.01
C ARG A 302 16.87 -13.58 -18.55
N VAL A 303 15.97 -12.82 -17.92
CA VAL A 303 16.13 -12.33 -16.56
C VAL A 303 14.94 -12.80 -15.72
N LEU A 304 15.22 -13.38 -14.56
CA LEU A 304 14.20 -13.75 -13.59
C LEU A 304 14.44 -12.97 -12.30
N ILE A 305 13.46 -12.17 -11.90
CA ILE A 305 13.56 -11.33 -10.70
C ILE A 305 12.85 -12.05 -9.55
N ILE A 306 13.61 -12.43 -8.51
CA ILE A 306 13.08 -13.23 -7.40
C ILE A 306 13.08 -12.37 -6.13
N LEU A 307 11.90 -12.17 -5.52
CA LEU A 307 11.85 -11.43 -4.26
C LEU A 307 12.63 -12.11 -3.15
N GLU A 308 13.48 -11.33 -2.47
CA GLU A 308 14.18 -11.79 -1.27
C GLU A 308 13.60 -11.01 -0.10
N GLY A 309 14.40 -10.15 0.55
CA GLY A 309 13.92 -9.29 1.62
C GLY A 309 13.32 -7.98 1.14
N GLY A 310 13.19 -7.04 2.07
CA GLY A 310 12.50 -5.79 1.81
C GLY A 310 11.27 -5.70 2.69
N TYR A 311 11.21 -4.66 3.55
CA TYR A 311 10.25 -4.68 4.65
C TYR A 311 9.40 -3.42 4.80
N ASN A 312 9.60 -2.40 3.99
CA ASN A 312 8.65 -1.30 3.91
C ASN A 312 7.66 -1.66 2.82
N LEU A 313 6.42 -1.94 3.22
CA LEU A 313 5.44 -2.48 2.27
C LEU A 313 5.23 -1.54 1.09
N THR A 314 5.18 -0.23 1.32
CA THR A 314 5.04 0.71 0.20
C THR A 314 6.31 0.71 -0.67
N SER A 315 7.48 0.75 -0.04
CA SER A 315 8.74 0.77 -0.78
C SER A 315 8.92 -0.47 -1.65
N ILE A 316 8.69 -1.66 -1.08
CA ILE A 316 8.93 -2.89 -1.87
C ILE A 316 7.90 -2.99 -2.99
N SER A 317 6.66 -2.54 -2.74
CA SER A 317 5.63 -2.60 -3.77
C SER A 317 5.95 -1.69 -4.93
N GLU A 318 6.36 -0.46 -4.64
CA GLU A 318 6.71 0.45 -5.73
C GLU A 318 7.98 -0.03 -6.44
N SER A 319 8.96 -0.53 -5.67
CA SER A 319 10.25 -0.88 -6.25
C SER A 319 10.14 -2.10 -7.16
N MET A 320 9.53 -3.20 -6.67
CA MET A 320 9.30 -4.38 -7.53
C MET A 320 8.51 -4.03 -8.78
N SER A 321 7.41 -3.27 -8.62
CA SER A 321 6.57 -2.96 -9.78
CA SER A 321 6.58 -2.97 -9.77
C SER A 321 7.36 -2.22 -10.84
N MET A 322 8.25 -1.31 -10.44
CA MET A 322 9.07 -0.61 -11.42
C MET A 322 9.98 -1.59 -12.14
N CYS A 323 10.50 -2.60 -11.44
CA CYS A 323 11.29 -3.63 -12.12
C CYS A 323 10.46 -4.37 -13.17
N THR A 324 9.22 -4.75 -12.83
CA THR A 324 8.37 -5.45 -13.79
C THR A 324 8.08 -4.55 -14.99
N SER A 325 7.82 -3.28 -14.73
CA SER A 325 7.65 -2.32 -15.81
C SER A 325 8.85 -2.33 -16.77
N MET A 326 10.08 -2.38 -16.24
CA MET A 326 11.22 -2.49 -17.16
C MET A 326 11.23 -3.81 -17.92
N LEU A 327 10.91 -4.93 -17.26
CA LEU A 327 10.88 -6.21 -17.96
C LEU A 327 9.87 -6.20 -19.11
N LEU A 328 8.73 -5.51 -18.92
CA LEU A 328 7.69 -5.40 -19.94
C LEU A 328 8.10 -4.49 -21.09
N GLY A 329 9.26 -3.85 -21.01
CA GLY A 329 9.74 -3.01 -22.07
C GLY A 329 9.44 -1.54 -21.93
N ASP A 330 8.92 -1.11 -20.78
CA ASP A 330 8.69 0.30 -20.58
C ASP A 330 10.03 1.01 -20.46
N SER A 331 10.03 2.24 -20.78
CA SER A 331 11.35 2.84 -20.80
C SER A 331 11.73 3.36 -19.41
N PRO A 332 13.03 3.45 -19.13
CA PRO A 332 13.47 3.79 -17.77
C PRO A 332 12.97 5.16 -17.36
N PRO A 333 12.44 5.27 -16.14
CA PRO A 333 12.16 6.60 -15.58
C PRO A 333 13.46 7.35 -15.29
N SER A 334 13.34 8.63 -14.99
CA SER A 334 14.50 9.49 -14.82
C SER A 334 14.99 9.46 -13.37
N LEU A 335 16.29 9.32 -13.19
CA LEU A 335 16.87 9.35 -11.84
C LEU A 335 16.93 10.79 -11.35
N ASP A 336 16.98 10.93 -10.03
CA ASP A 336 17.11 12.24 -9.40
C ASP A 336 18.47 12.82 -9.74
N THR A 339 24.70 13.00 -7.90
CA THR A 339 25.29 13.23 -6.59
C THR A 339 26.65 12.52 -6.50
N PRO A 340 27.68 13.24 -6.06
CA PRO A 340 29.00 12.62 -5.92
C PRO A 340 28.95 11.41 -5.00
N LEU A 341 29.65 10.35 -5.39
CA LEU A 341 29.71 9.14 -4.58
C LEU A 341 30.24 9.43 -3.20
N LYS A 342 29.63 8.79 -2.19
CA LYS A 342 30.20 8.77 -0.87
C LYS A 342 31.63 8.24 -0.92
N THR A 343 32.51 8.86 -0.13
CA THR A 343 33.94 8.54 -0.19
C THR A 343 34.18 7.04 -0.04
N SER A 344 33.53 6.44 0.96
CA SER A 344 33.77 5.03 1.23
C SER A 344 33.25 4.14 0.10
N ALA A 345 32.25 4.60 -0.66
CA ALA A 345 31.77 3.80 -1.78
C ALA A 345 32.81 3.72 -2.90
N THR A 346 33.52 4.83 -3.15
CA THR A 346 34.62 4.80 -4.10
C THR A 346 35.70 3.83 -3.64
N VAL A 347 36.01 3.82 -2.34
CA VAL A 347 36.99 2.90 -1.79
C VAL A 347 36.54 1.46 -2.02
N SER A 348 35.26 1.19 -1.73
CA SER A 348 34.73 -0.16 -1.89
C SER A 348 34.88 -0.64 -3.34
N ILE A 349 34.51 0.21 -4.29
CA ILE A 349 34.55 -0.17 -5.69
C ILE A 349 35.99 -0.42 -6.13
N ASN A 350 36.92 0.40 -5.65
CA ASN A 350 38.34 0.23 -5.98
C ASN A 350 38.87 -1.09 -5.41
N ASN A 351 38.54 -1.39 -4.15
CA ASN A 351 38.94 -2.65 -3.54
C ASN A 351 38.46 -3.85 -4.35
N VAL A 352 37.22 -3.82 -4.82
CA VAL A 352 36.72 -4.94 -5.62
C VAL A 352 37.44 -5.01 -6.95
N LEU A 353 37.65 -3.85 -7.59
CA LEU A 353 38.37 -3.82 -8.87
C LEU A 353 39.75 -4.43 -8.74
N ARG A 354 40.45 -4.16 -7.64
CA ARG A 354 41.76 -4.74 -7.43
C ARG A 354 41.67 -6.24 -7.19
N ALA A 355 40.63 -6.68 -6.48
CA ALA A 355 40.51 -8.10 -6.15
C ALA A 355 40.09 -8.94 -7.35
N HIS A 356 39.41 -8.36 -8.33
CA HIS A 356 38.89 -9.15 -9.44
C HIS A 356 39.52 -8.84 -10.79
N ALA A 357 40.31 -7.77 -10.92
CA ALA A 357 41.09 -7.54 -12.13
C ALA A 357 41.97 -8.73 -12.53
N PRO A 358 42.50 -9.52 -11.59
CA PRO A 358 43.23 -10.74 -12.02
C PRO A 358 42.37 -11.70 -12.82
N PHE A 359 41.07 -11.74 -12.57
CA PHE A 359 40.19 -12.72 -13.16
C PHE A 359 39.36 -12.21 -14.33
N TRP A 360 39.18 -10.90 -14.43
CA TRP A 360 38.28 -10.32 -15.44
C TRP A 360 39.04 -9.24 -16.21
N SER A 361 39.37 -9.54 -17.47
CA SER A 361 40.14 -8.59 -18.28
C SER A 361 39.36 -7.32 -18.59
N SER A 362 38.03 -7.34 -18.44
CA SER A 362 37.22 -6.14 -18.65
C SER A 362 37.43 -5.09 -17.57
N LEU A 363 38.08 -5.43 -16.47
CA LEU A 363 38.30 -4.49 -15.37
C LEU A 363 39.63 -3.76 -15.50
N PRO B 8 -2.62 19.69 22.80
CA PRO B 8 -2.54 19.71 21.35
C PRO B 8 -2.44 18.29 20.79
N ILE B 9 -3.46 17.48 21.05
CA ILE B 9 -3.48 16.05 20.75
C ILE B 9 -4.40 15.80 19.56
N THR B 10 -3.96 14.93 18.63
CA THR B 10 -4.80 14.41 17.56
C THR B 10 -5.24 13.00 17.89
N GLY B 11 -6.54 12.73 17.79
CA GLY B 11 -7.04 11.39 17.97
C GLY B 11 -7.10 10.60 16.67
N LEU B 12 -7.09 9.28 16.80
CA LEU B 12 -7.20 8.39 15.65
C LEU B 12 -8.03 7.18 16.07
N VAL B 13 -9.05 6.84 15.30
CA VAL B 13 -9.82 5.63 15.56
C VAL B 13 -9.73 4.73 14.34
N TYR B 14 -9.52 3.45 14.61
CA TYR B 14 -9.42 2.41 13.59
C TYR B 14 -9.68 1.09 14.29
N ASP B 15 -10.50 0.24 13.67
CA ASP B 15 -10.73 -1.09 14.22
C ASP B 15 -10.81 -2.09 13.08
N GLN B 16 -9.98 -3.14 13.14
CA GLN B 16 -9.93 -4.10 12.03
C GLN B 16 -11.24 -4.88 11.90
N ARG B 17 -12.10 -4.88 12.92
CA ARG B 17 -13.40 -5.53 12.79
C ARG B 17 -14.21 -4.95 11.64
N MET B 18 -14.01 -3.68 11.31
CA MET B 18 -14.75 -3.14 10.17
C MET B 18 -14.28 -3.69 8.83
N MET B 19 -13.20 -4.49 8.79
CA MET B 19 -12.99 -5.14 7.50
C MET B 19 -13.88 -6.37 7.28
N LEU B 20 -14.73 -6.76 8.24
CA LEU B 20 -15.51 -7.98 8.07
C LEU B 20 -16.64 -7.82 7.05
N HIS B 21 -17.17 -6.61 6.89
CA HIS B 21 -18.14 -6.32 5.83
C HIS B 21 -17.54 -6.65 4.47
N HIS B 22 -18.22 -7.49 3.69
CA HIS B 22 -17.61 -7.91 2.44
C HIS B 22 -18.68 -8.28 1.41
N ASN B 23 -18.25 -8.35 0.15
CA ASN B 23 -19.13 -8.65 -0.98
C ASN B 23 -18.96 -10.12 -1.34
N MET B 24 -19.97 -10.93 -1.08
CA MET B 24 -19.76 -12.36 -1.22
C MET B 24 -19.89 -12.82 -2.67
N TRP B 25 -20.48 -12.01 -3.54
N TRP B 25 -20.52 -12.03 -3.54
CA TRP B 25 -20.61 -12.35 -4.96
CA TRP B 25 -20.59 -12.37 -4.96
C TRP B 25 -19.50 -11.76 -5.81
C TRP B 25 -19.40 -11.83 -5.75
N ASP B 26 -18.93 -10.62 -5.42
CA ASP B 26 -17.84 -9.96 -6.13
C ASP B 26 -16.78 -9.58 -5.10
N SER B 27 -15.85 -10.50 -4.84
CA SER B 27 -14.82 -10.27 -3.83
C SER B 27 -13.85 -9.16 -4.21
N HIS B 28 -13.85 -8.72 -5.48
CA HIS B 28 -13.02 -7.61 -5.92
C HIS B 28 -13.78 -6.31 -6.06
N HIS B 29 -15.00 -6.22 -5.52
CA HIS B 29 -15.73 -4.95 -5.51
C HIS B 29 -14.85 -3.87 -4.89
N PRO B 30 -14.82 -2.66 -5.44
CA PRO B 30 -13.83 -1.66 -4.99
C PRO B 30 -13.97 -1.20 -3.54
N GLU B 31 -15.14 -1.35 -2.91
CA GLU B 31 -15.27 -0.96 -1.51
C GLU B 31 -14.78 -2.14 -0.65
N LEU B 32 -13.46 -2.29 -0.63
CA LEU B 32 -12.69 -3.43 -0.12
C LEU B 32 -12.44 -3.31 1.37
N PRO B 33 -12.49 -4.44 2.08
CA PRO B 33 -12.01 -4.47 3.46
C PRO B 33 -10.67 -3.79 3.64
N GLN B 34 -9.70 -4.04 2.74
CA GLN B 34 -8.37 -3.49 2.94
C GLN B 34 -8.29 -1.98 2.69
N ARG B 35 -9.38 -1.29 2.35
CA ARG B 35 -9.30 0.17 2.29
C ARG B 35 -8.83 0.73 3.63
N ILE B 36 -9.41 0.24 4.74
CA ILE B 36 -9.07 0.83 6.03
C ILE B 36 -7.75 0.29 6.58
N SER B 37 -7.44 -1.00 6.35
CA SER B 37 -6.16 -1.50 6.83
C SER B 37 -4.99 -0.87 6.08
N ARG B 38 -5.17 -0.55 4.79
CA ARG B 38 -4.10 0.11 4.06
C ARG B 38 -3.87 1.52 4.59
N ILE B 39 -4.95 2.27 4.84
CA ILE B 39 -4.76 3.61 5.39
C ILE B 39 -4.05 3.54 6.75
N PHE B 40 -4.50 2.62 7.61
CA PHE B 40 -3.88 2.45 8.92
C PHE B 40 -2.40 2.08 8.78
N SER B 41 -2.09 1.15 7.88
CA SER B 41 -0.71 0.74 7.68
C SER B 41 0.17 1.91 7.23
N ARG B 42 -0.37 2.78 6.36
CA ARG B 42 0.44 3.92 5.92
C ARG B 42 0.70 4.87 7.08
N HIS B 43 -0.25 4.96 8.03
CA HIS B 43 0.00 5.76 9.23
C HIS B 43 1.13 5.17 10.06
N GLU B 44 1.18 3.83 10.19
CA GLU B 44 2.31 3.21 10.91
C GLU B 44 3.62 3.44 10.18
N GLU B 45 3.60 3.28 8.85
CA GLU B 45 4.79 3.43 8.01
C GLU B 45 5.43 4.79 8.15
N LEU B 46 4.60 5.84 8.11
CA LEU B 46 5.04 7.21 8.21
C LEU B 46 5.28 7.64 9.66
N ARG B 47 5.07 6.73 10.62
CA ARG B 47 5.25 7.00 12.04
C ARG B 47 4.33 8.12 12.52
N LEU B 48 3.16 8.20 11.88
CA LEU B 48 2.13 9.12 12.34
C LEU B 48 1.28 8.52 13.46
N LEU B 49 1.16 7.20 13.49
CA LEU B 49 0.24 6.57 14.42
C LEU B 49 0.65 6.79 15.87
N SER B 50 1.94 6.64 16.16
CA SER B 50 2.43 6.86 17.51
C SER B 50 2.32 8.31 17.97
N ARG B 51 2.11 9.25 17.06
CA ARG B 51 1.94 10.66 17.40
C ARG B 51 0.49 10.99 17.75
N CYS B 52 -0.43 10.07 17.51
CA CYS B 52 -1.85 10.23 17.80
C CYS B 52 -2.24 9.48 19.07
N HIS B 53 -3.29 9.97 19.71
CA HIS B 53 -3.95 9.21 20.77
C HIS B 53 -5.00 8.29 20.16
N ARG B 54 -4.93 7.01 20.49
CA ARG B 54 -5.86 6.05 19.92
C ARG B 54 -7.20 6.13 20.65
N ILE B 55 -8.25 6.47 19.93
CA ILE B 55 -9.61 6.52 20.46
C ILE B 55 -10.25 5.17 20.16
N PRO B 56 -10.86 4.48 21.12
CA PRO B 56 -11.44 3.17 20.83
C PRO B 56 -12.71 3.26 20.00
N ALA B 57 -12.90 2.26 19.15
CA ALA B 57 -14.19 2.08 18.47
C ALA B 57 -15.24 1.61 19.47
N ARG B 58 -16.50 1.91 19.17
CA ARG B 58 -17.62 1.27 19.85
C ARG B 58 -18.77 1.10 18.86
N LEU B 59 -19.73 0.26 19.25
CA LEU B 59 -20.96 0.12 18.48
C LEU B 59 -21.91 1.28 18.77
N ALA B 60 -22.45 1.89 17.72
CA ALA B 60 -23.59 2.78 17.90
C ALA B 60 -24.77 1.99 18.47
N THR B 61 -25.59 2.66 19.26
CA THR B 61 -26.82 2.02 19.72
C THR B 61 -27.95 2.30 18.74
N GLU B 62 -29.00 1.48 18.82
CA GLU B 62 -30.18 1.71 18.00
C GLU B 62 -30.83 3.06 18.27
N GLU B 63 -30.79 3.51 19.53
CA GLU B 63 -31.33 4.83 19.84
C GLU B 63 -30.51 5.92 19.18
N GLU B 64 -29.18 5.75 19.10
CA GLU B 64 -28.36 6.72 18.39
C GLU B 64 -28.64 6.69 16.89
N LEU B 65 -28.86 5.50 16.31
CA LEU B 65 -29.22 5.44 14.90
C LEU B 65 -30.50 6.20 14.63
N ALA B 66 -31.42 6.21 15.59
CA ALA B 66 -32.71 6.87 15.40
C ALA B 66 -32.59 8.38 15.39
N LEU B 67 -31.41 8.94 15.67
CA LEU B 67 -31.22 10.37 15.50
C LEU B 67 -31.46 10.80 14.06
N CYS B 68 -31.15 9.91 13.10
CA CYS B 68 -31.28 10.21 11.68
C CYS B 68 -32.09 9.19 10.89
N HIS B 69 -32.28 7.97 11.38
CA HIS B 69 -32.87 6.92 10.58
C HIS B 69 -34.18 6.42 11.17
N SER B 70 -35.08 6.01 10.26
CA SER B 70 -36.38 5.49 10.66
C SER B 70 -36.23 4.13 11.33
N SER B 71 -37.19 3.79 12.20
CA SER B 71 -37.17 2.48 12.84
C SER B 71 -37.27 1.35 11.84
N LYS B 72 -37.99 1.57 10.72
CA LYS B 72 -38.10 0.52 9.70
C LYS B 72 -36.74 0.24 9.07
N HIS B 73 -36.03 1.30 8.69
CA HIS B 73 -34.71 1.12 8.07
C HIS B 73 -33.75 0.45 9.04
N ILE B 74 -33.72 0.89 10.31
CA ILE B 74 -32.84 0.28 11.29
C ILE B 74 -33.13 -1.21 11.42
N SER B 75 -34.41 -1.58 11.49
CA SER B 75 -34.76 -2.98 11.74
CA SER B 75 -34.76 -2.98 11.74
C SER B 75 -34.41 -3.85 10.54
N ILE B 76 -34.58 -3.32 9.32
CA ILE B 76 -34.24 -4.10 8.13
C ILE B 76 -32.75 -4.39 8.08
N ILE B 77 -31.91 -3.36 8.26
CA ILE B 77 -30.47 -3.58 8.23
C ILE B 77 -30.04 -4.45 9.41
N LYS B 78 -30.60 -4.20 10.59
CA LYS B 78 -30.34 -5.07 11.74
C LYS B 78 -30.60 -6.52 11.42
N SER B 79 -31.70 -6.79 10.69
CA SER B 79 -32.09 -8.17 10.43
C SER B 79 -31.12 -8.89 9.51
N SER B 80 -30.32 -8.15 8.73
CA SER B 80 -29.40 -8.80 7.81
C SER B 80 -28.30 -9.57 8.51
N GLU B 81 -28.08 -9.33 9.81
CA GLU B 81 -27.02 -10.04 10.53
C GLU B 81 -27.26 -11.56 10.54
N HIS B 82 -28.51 -11.99 10.49
CA HIS B 82 -28.85 -13.41 10.58
C HIS B 82 -29.37 -13.97 9.28
N MET B 83 -29.32 -13.20 8.20
CA MET B 83 -29.94 -13.55 6.93
C MET B 83 -29.15 -14.65 6.21
N LYS B 84 -29.90 -15.49 5.50
CA LYS B 84 -29.30 -16.44 4.58
C LYS B 84 -28.77 -15.71 3.34
N PRO B 85 -27.81 -16.31 2.63
CA PRO B 85 -27.25 -15.65 1.43
C PRO B 85 -28.29 -15.16 0.44
N ARG B 86 -29.28 -15.99 0.10
CA ARG B 86 -30.29 -15.56 -0.87
C ARG B 86 -31.05 -14.35 -0.34
N ASP B 87 -31.31 -14.30 0.97
CA ASP B 87 -31.96 -13.13 1.56
C ASP B 87 -31.06 -11.91 1.49
N LEU B 88 -29.76 -12.07 1.73
CA LEU B 88 -28.81 -10.96 1.65
C LEU B 88 -28.71 -10.41 0.23
N ASN B 89 -28.66 -11.31 -0.76
CA ASN B 89 -28.58 -10.88 -2.16
C ASN B 89 -29.81 -10.07 -2.57
N ARG B 90 -31.00 -10.61 -2.29
CA ARG B 90 -32.21 -9.90 -2.74
C ARG B 90 -32.39 -8.58 -2.02
N LEU B 91 -32.10 -8.55 -0.71
CA LEU B 91 -32.24 -7.29 0.02
C LEU B 91 -31.27 -6.24 -0.52
N GLY B 92 -30.01 -6.62 -0.71
CA GLY B 92 -29.06 -5.71 -1.30
C GLY B 92 -29.52 -5.16 -2.64
N ASP B 93 -30.10 -6.04 -3.47
CA ASP B 93 -30.54 -5.60 -4.79
C ASP B 93 -31.79 -4.73 -4.75
N GLU B 94 -32.46 -4.63 -3.60
CA GLU B 94 -33.56 -3.68 -3.48
C GLU B 94 -33.04 -2.24 -3.42
N TYR B 95 -31.77 -2.04 -3.07
CA TYR B 95 -31.20 -0.72 -2.97
C TYR B 95 -30.39 -0.37 -4.21
N ASN B 96 -30.06 0.91 -4.33
CA ASN B 96 -29.14 1.40 -5.35
C ASN B 96 -27.70 1.14 -4.87
N SER B 97 -27.03 0.15 -5.48
CA SER B 97 -25.59 -0.12 -5.29
C SER B 97 -25.23 -0.45 -3.84
N ILE B 98 -25.77 -1.57 -3.36
CA ILE B 98 -25.49 -2.06 -2.02
C ILE B 98 -25.18 -3.55 -2.09
N PHE B 99 -24.12 -3.97 -1.40
CA PHE B 99 -23.92 -5.38 -1.07
C PHE B 99 -23.95 -5.54 0.45
N ILE B 100 -24.44 -6.70 0.89
CA ILE B 100 -24.60 -6.98 2.33
C ILE B 100 -24.03 -8.34 2.66
N SER B 101 -23.37 -8.44 3.80
CA SER B 101 -22.96 -9.70 4.41
C SER B 101 -23.47 -9.73 5.84
N ASN B 102 -23.32 -10.88 6.51
CA ASN B 102 -23.83 -11.00 7.88
C ASN B 102 -23.12 -10.08 8.86
N GLU B 103 -21.98 -9.52 8.48
CA GLU B 103 -21.18 -8.63 9.32
C GLU B 103 -21.43 -7.16 9.01
N SER B 104 -22.23 -6.86 7.98
CA SER B 104 -22.40 -5.47 7.53
C SER B 104 -23.01 -4.58 8.60
N TYR B 105 -24.09 -5.05 9.26
CA TYR B 105 -24.73 -4.25 10.31
C TYR B 105 -23.74 -3.89 11.42
N THR B 106 -23.03 -4.89 11.95
CA THR B 106 -22.06 -4.62 13.00
C THR B 106 -21.00 -3.63 12.54
N CYS B 107 -20.55 -3.75 11.28
CA CYS B 107 -19.51 -2.84 10.81
C CYS B 107 -20.04 -1.41 10.66
N ALA B 108 -21.28 -1.28 10.17
CA ALA B 108 -21.88 0.05 10.10
C ALA B 108 -22.05 0.65 11.49
N LEU B 109 -22.40 -0.19 12.48
CA LEU B 109 -22.52 0.31 13.84
C LEU B 109 -21.17 0.78 14.38
N LEU B 110 -20.11 0.04 14.08
CA LEU B 110 -18.77 0.39 14.53
C LEU B 110 -18.26 1.66 13.85
N ALA B 111 -18.56 1.85 12.57
CA ALA B 111 -18.15 3.08 11.91
C ALA B 111 -18.80 4.29 12.59
N ALA B 112 -20.11 4.20 12.86
CA ALA B 112 -20.80 5.31 13.50
C ALA B 112 -20.29 5.54 14.92
N GLY B 113 -20.22 4.48 15.72
CA GLY B 113 -19.82 4.65 17.12
C GLY B 113 -18.37 5.13 17.25
N SER B 114 -17.51 4.73 16.31
CA SER B 114 -16.15 5.23 16.26
C SER B 114 -16.13 6.74 16.11
N CYS B 115 -16.97 7.27 15.23
CA CYS B 115 -17.06 8.70 15.04
C CYS B 115 -17.70 9.41 16.22
N PHE B 116 -18.68 8.77 16.89
CA PHE B 116 -19.25 9.36 18.09
C PHE B 116 -18.17 9.52 19.17
N ASN B 117 -17.38 8.47 19.38
CA ASN B 117 -16.32 8.57 20.38
C ASN B 117 -15.30 9.64 20.02
N SER B 118 -15.00 9.79 18.72
CA SER B 118 -14.07 10.83 18.29
C SER B 118 -14.67 12.22 18.47
N ALA B 119 -15.94 12.40 18.11
CA ALA B 119 -16.58 13.70 18.34
C ALA B 119 -16.61 14.02 19.83
N GLN B 120 -16.92 13.03 20.67
CA GLN B 120 -16.96 13.25 22.10
C GLN B 120 -15.60 13.67 22.63
N ALA B 121 -14.54 13.03 22.12
CA ALA B 121 -13.18 13.35 22.57
C ALA B 121 -12.82 14.79 22.21
N ILE B 122 -13.23 15.24 21.02
CA ILE B 122 -13.01 16.62 20.62
C ILE B 122 -13.83 17.56 21.49
N LEU B 123 -15.10 17.26 21.68
CA LEU B 123 -15.99 18.21 22.36
C LEU B 123 -15.77 18.25 23.86
N THR B 124 -15.09 17.26 24.44
CA THR B 124 -14.72 17.31 25.86
C THR B 124 -13.29 17.81 26.06
N GLY B 125 -12.61 18.22 24.99
CA GLY B 125 -11.28 18.76 25.12
C GLY B 125 -10.21 17.72 25.36
N GLN B 126 -10.49 16.45 25.13
CA GLN B 126 -9.48 15.42 25.31
C GLN B 126 -8.50 15.38 24.15
N VAL B 127 -8.98 15.68 22.94
CA VAL B 127 -8.15 15.88 21.77
C VAL B 127 -8.59 17.16 21.09
N ARG B 128 -7.68 17.75 20.30
CA ARG B 128 -8.01 18.93 19.53
C ARG B 128 -8.81 18.57 18.29
N ASN B 129 -8.43 17.47 17.65
CA ASN B 129 -8.97 17.07 16.37
C ASN B 129 -8.77 15.56 16.24
N ALA B 130 -9.30 14.97 15.16
CA ALA B 130 -9.22 13.53 15.07
C ALA B 130 -9.50 13.06 13.65
N VAL B 131 -9.10 11.81 13.41
CA VAL B 131 -9.27 11.16 12.12
C VAL B 131 -9.91 9.79 12.39
N ALA B 132 -10.86 9.42 11.54
CA ALA B 132 -11.64 8.19 11.72
C ALA B 132 -11.52 7.33 10.47
N ILE B 133 -10.81 6.20 10.60
CA ILE B 133 -10.52 5.30 9.47
C ILE B 133 -11.57 4.20 9.54
N VAL B 134 -12.72 4.44 8.88
CA VAL B 134 -13.92 3.61 9.06
C VAL B 134 -14.50 3.18 7.72
N ARG B 135 -15.20 2.04 7.74
CA ARG B 135 -16.02 1.54 6.65
C ARG B 135 -17.09 0.64 7.23
N PRO B 136 -18.22 0.43 6.52
CA PRO B 136 -18.65 1.03 5.25
C PRO B 136 -18.87 2.53 5.39
N PRO B 137 -18.92 3.23 4.25
CA PRO B 137 -19.13 4.69 4.28
C PRO B 137 -20.56 5.07 4.62
N GLY B 138 -20.83 6.37 4.65
CA GLY B 138 -22.12 6.81 5.14
C GLY B 138 -22.91 7.82 4.32
N HIS B 139 -22.27 8.64 3.47
CA HIS B 139 -22.93 9.90 3.09
C HIS B 139 -24.07 9.71 2.09
N HIS B 140 -24.20 8.55 1.45
CA HIS B 140 -25.33 8.29 0.59
C HIS B 140 -26.53 7.73 1.33
N ALA B 141 -26.35 7.33 2.60
CA ALA B 141 -27.45 6.71 3.34
C ALA B 141 -28.52 7.75 3.67
N GLU B 142 -29.77 7.39 3.40
CA GLU B 142 -30.90 8.27 3.65
C GLU B 142 -31.58 7.90 4.96
N LYS B 143 -32.49 8.77 5.41
CA LYS B 143 -33.28 8.46 6.60
C LYS B 143 -33.86 7.06 6.53
N ASP B 144 -34.46 6.69 5.39
CA ASP B 144 -35.26 5.47 5.31
C ASP B 144 -34.66 4.41 4.37
N THR B 145 -33.46 4.63 3.84
CA THR B 145 -32.92 3.61 2.94
C THR B 145 -31.40 3.66 2.87
N ALA B 146 -30.81 2.52 2.51
CA ALA B 146 -29.39 2.40 2.21
C ALA B 146 -29.13 2.71 0.74
N CYS B 147 -27.89 3.11 0.43
CA CYS B 147 -27.57 3.57 -0.91
C CYS B 147 -26.07 3.71 -1.07
N GLY B 148 -25.56 3.37 -2.25
CA GLY B 148 -24.20 3.77 -2.62
C GLY B 148 -23.14 3.32 -1.64
N PHE B 149 -23.19 2.03 -1.29
CA PHE B 149 -22.27 1.36 -0.37
C PHE B 149 -22.48 1.79 1.09
N CYS B 150 -23.51 2.57 1.39
CA CYS B 150 -23.71 3.18 2.72
C CYS B 150 -24.98 2.65 3.36
N PHE B 151 -24.89 2.25 4.63
CA PHE B 151 -26.05 1.77 5.37
C PHE B 151 -26.65 2.82 6.29
N PHE B 152 -25.83 3.47 7.10
CA PHE B 152 -26.25 4.55 8.00
C PHE B 152 -25.37 5.76 7.73
N ASN B 153 -25.93 6.95 7.92
CA ASN B 153 -25.18 8.16 7.54
C ASN B 153 -24.31 8.57 8.71
N THR B 154 -23.10 8.01 8.73
CA THR B 154 -22.16 8.20 9.82
C THR B 154 -21.90 9.68 10.14
N ALA B 155 -21.64 10.50 9.12
CA ALA B 155 -21.37 11.91 9.38
C ALA B 155 -22.61 12.62 9.91
N ALA B 156 -23.78 12.34 9.33
CA ALA B 156 -25.02 12.97 9.78
C ALA B 156 -25.31 12.58 11.22
N LEU B 157 -25.18 11.29 11.53
CA LEU B 157 -25.37 10.79 12.89
C LEU B 157 -24.41 11.46 13.85
N THR B 158 -23.15 11.67 13.43
CA THR B 158 -22.17 12.27 14.33
C THR B 158 -22.50 13.72 14.62
N ALA B 159 -23.04 14.44 13.63
CA ALA B 159 -23.51 15.80 13.87
C ALA B 159 -24.60 15.83 14.93
N ARG B 160 -25.61 14.96 14.80
CA ARG B 160 -26.69 14.90 15.78
C ARG B 160 -26.20 14.38 17.12
N TYR B 161 -25.29 13.39 17.10
CA TYR B 161 -24.71 12.92 18.36
C TYR B 161 -24.00 14.07 19.06
N ALA B 162 -23.23 14.86 18.32
CA ALA B 162 -22.54 15.99 18.93
C ALA B 162 -23.52 16.95 19.57
N GLN B 163 -24.62 17.26 18.87
CA GLN B 163 -25.65 18.12 19.44
C GLN B 163 -26.27 17.50 20.69
N SER B 164 -26.41 16.17 20.72
CA SER B 164 -27.05 15.52 21.86
C SER B 164 -26.20 15.59 23.14
N ILE B 165 -24.88 15.70 23.01
CA ILE B 165 -24.03 15.78 24.21
C ILE B 165 -23.54 17.18 24.48
N THR B 166 -23.99 18.18 23.70
CA THR B 166 -23.64 19.56 23.95
C THR B 166 -24.94 20.34 24.07
N ARG B 167 -25.37 21.04 23.02
CA ARG B 167 -26.69 21.64 23.00
C ARG B 167 -27.31 21.41 21.62
N GLU B 168 -28.64 21.34 21.59
CA GLU B 168 -29.34 20.93 20.38
C GLU B 168 -28.98 21.78 19.17
N SER B 169 -28.67 23.06 19.37
CA SER B 169 -28.41 23.98 18.28
C SER B 169 -26.92 24.16 17.99
N LEU B 170 -26.06 23.28 18.51
CA LEU B 170 -24.63 23.36 18.23
C LEU B 170 -24.39 23.45 16.73
N ARG B 171 -23.58 24.43 16.31
CA ARG B 171 -23.37 24.70 14.88
C ARG B 171 -22.35 23.73 14.34
N VAL B 172 -22.78 22.81 13.50
CA VAL B 172 -21.89 21.81 12.91
C VAL B 172 -21.78 22.11 11.42
N LEU B 173 -20.55 22.24 10.93
CA LEU B 173 -20.28 22.30 9.49
C LEU B 173 -19.86 20.92 9.04
N ILE B 174 -20.50 20.41 7.97
CA ILE B 174 -20.06 19.20 7.29
C ILE B 174 -19.52 19.60 5.92
N VAL B 175 -18.23 19.37 5.69
CA VAL B 175 -17.63 19.58 4.38
C VAL B 175 -17.45 18.20 3.76
N ASP B 176 -18.08 17.98 2.60
CA ASP B 176 -18.09 16.68 1.94
C ASP B 176 -17.23 16.82 0.69
N TRP B 177 -15.98 16.37 0.77
CA TRP B 177 -15.12 16.44 -0.40
C TRP B 177 -14.92 15.10 -1.11
N ASP B 178 -15.68 14.07 -0.71
CA ASP B 178 -15.86 12.91 -1.58
C ASP B 178 -16.30 13.37 -2.97
N VAL B 179 -15.85 12.67 -4.01
CA VAL B 179 -16.14 13.12 -5.37
C VAL B 179 -17.64 13.00 -5.71
N HIS B 180 -18.40 12.24 -4.93
CA HIS B 180 -19.83 12.09 -5.15
C HIS B 180 -20.61 12.98 -4.21
N HIS B 181 -21.78 13.40 -4.67
CA HIS B 181 -22.68 14.18 -3.82
C HIS B 181 -23.18 13.31 -2.67
N GLY B 182 -23.18 13.87 -1.45
CA GLY B 182 -23.77 13.20 -0.33
C GLY B 182 -25.26 13.44 -0.24
N ASN B 183 -26.01 12.73 -1.09
CA ASN B 183 -27.45 12.94 -1.17
C ASN B 183 -28.11 12.75 0.20
N GLY B 184 -27.70 11.71 0.93
CA GLY B 184 -28.30 11.46 2.23
C GLY B 184 -28.03 12.58 3.21
N THR B 185 -26.80 13.08 3.24
CA THR B 185 -26.50 14.17 4.17
C THR B 185 -27.27 15.42 3.82
N GLN B 186 -27.33 15.77 2.53
CA GLN B 186 -28.12 16.93 2.14
C GLN B 186 -29.58 16.79 2.57
N HIS B 187 -30.17 15.62 2.33
CA HIS B 187 -31.59 15.45 2.63
C HIS B 187 -31.84 15.47 4.13
N ILE B 188 -30.96 14.84 4.92
CA ILE B 188 -31.17 14.77 6.36
C ILE B 188 -31.20 16.17 6.96
N PHE B 189 -30.36 17.08 6.46
CA PHE B 189 -30.26 18.41 7.03
C PHE B 189 -30.89 19.49 6.15
N GLU B 190 -31.71 19.11 5.16
CA GLU B 190 -32.11 20.12 4.17
C GLU B 190 -32.95 21.24 4.79
N GLU B 191 -33.70 20.93 5.85
CA GLU B 191 -34.53 21.91 6.54
C GLU B 191 -33.91 22.41 7.83
N ASP B 192 -32.59 22.28 7.99
CA ASP B 192 -31.92 22.51 9.26
C ASP B 192 -30.89 23.64 9.11
N ASP B 193 -30.98 24.66 9.97
CA ASP B 193 -30.00 25.73 9.95
C ASP B 193 -28.89 25.53 10.97
N SER B 194 -28.89 24.43 11.73
CA SER B 194 -27.84 24.18 12.70
C SER B 194 -26.71 23.36 12.12
N VAL B 195 -26.93 22.73 10.98
CA VAL B 195 -25.93 21.89 10.33
C VAL B 195 -25.78 22.41 8.90
N LEU B 196 -24.66 23.06 8.63
CA LEU B 196 -24.36 23.60 7.32
C LEU B 196 -23.68 22.50 6.51
N TYR B 197 -24.29 22.14 5.38
CA TYR B 197 -23.75 21.10 4.50
C TYR B 197 -23.13 21.76 3.27
N ILE B 198 -21.83 21.51 3.05
CA ILE B 198 -21.11 21.99 1.86
C ILE B 198 -20.51 20.77 1.18
N SER B 199 -20.94 20.52 -0.06
CA SER B 199 -20.42 19.41 -0.87
C SER B 199 -19.79 19.94 -2.15
N LEU B 200 -18.61 19.40 -2.49
CA LEU B 200 -18.02 19.51 -3.81
C LEU B 200 -18.13 18.15 -4.46
N HIS B 201 -18.50 18.11 -5.74
CA HIS B 201 -18.74 16.80 -6.32
C HIS B 201 -18.75 16.88 -7.84
N ARG B 202 -18.28 15.82 -8.46
CA ARG B 202 -18.49 15.67 -9.90
C ARG B 202 -19.97 15.51 -10.18
N TYR B 203 -20.49 16.34 -11.07
CA TYR B 203 -21.93 16.39 -11.35
C TYR B 203 -22.27 15.99 -12.78
N GLU B 204 -21.65 16.63 -13.77
CA GLU B 204 -21.87 16.31 -15.18
C GLU B 204 -23.34 16.41 -15.54
N ASP B 205 -23.96 17.51 -15.11
CA ASP B 205 -25.36 17.83 -15.43
C ASP B 205 -26.30 16.72 -14.97
N GLY B 206 -25.97 16.07 -13.84
CA GLY B 206 -26.79 15.01 -13.32
C GLY B 206 -26.44 13.61 -13.77
N ALA B 207 -25.45 13.45 -14.65
CA ALA B 207 -25.12 12.12 -15.19
C ALA B 207 -24.22 11.29 -14.27
N PHE B 208 -23.55 11.90 -13.30
CA PHE B 208 -22.61 11.19 -12.45
C PHE B 208 -23.32 10.69 -11.20
N PHE B 209 -22.93 9.49 -10.72
CA PHE B 209 -23.55 8.94 -9.52
C PHE B 209 -23.53 9.98 -8.40
N PRO B 210 -24.63 10.13 -7.63
CA PRO B 210 -25.85 9.31 -7.59
C PRO B 210 -26.95 9.73 -8.56
N ASN B 211 -26.62 10.50 -9.60
CA ASN B 211 -27.47 10.67 -10.79
C ASN B 211 -28.76 11.45 -10.49
N SER B 212 -28.66 12.48 -9.64
CA SER B 212 -29.82 13.30 -9.30
C SER B 212 -29.49 14.78 -9.42
N GLU B 213 -30.44 15.54 -9.97
CA GLU B 213 -30.30 17.00 -9.99
C GLU B 213 -30.41 17.62 -8.60
N ASP B 214 -30.67 16.82 -7.55
CA ASP B 214 -30.56 17.33 -6.18
C ASP B 214 -29.18 17.88 -5.88
N ALA B 215 -28.16 17.45 -6.64
CA ALA B 215 -26.78 17.87 -6.39
C ALA B 215 -26.44 19.20 -7.06
N ASN B 216 -27.37 19.84 -7.76
CA ASN B 216 -27.01 21.07 -8.47
C ASN B 216 -26.91 22.25 -7.52
N TYR B 217 -26.28 23.33 -8.02
CA TYR B 217 -25.96 24.49 -7.20
C TYR B 217 -27.19 25.26 -6.76
N ASP B 218 -28.34 25.06 -7.41
CA ASP B 218 -29.50 25.83 -7.03
C ASP B 218 -30.27 25.21 -5.87
N LYS B 219 -29.82 24.08 -5.33
CA LYS B 219 -30.45 23.50 -4.16
C LYS B 219 -29.78 24.11 -2.93
N VAL B 220 -30.42 25.13 -2.36
CA VAL B 220 -29.79 25.96 -1.34
C VAL B 220 -30.32 25.67 0.06
N GLY B 221 -31.20 24.70 0.21
CA GLY B 221 -31.85 24.43 1.47
C GLY B 221 -33.32 24.80 1.43
N LEU B 222 -34.09 24.21 2.36
CA LEU B 222 -35.54 24.38 2.43
C LEU B 222 -35.96 24.89 3.80
N GLY B 223 -36.99 25.73 3.82
CA GLY B 223 -37.52 26.16 5.11
C GLY B 223 -36.49 26.91 5.94
N LYS B 224 -36.38 26.55 7.22
CA LYS B 224 -35.39 27.18 8.08
C LYS B 224 -33.98 26.94 7.57
N GLY B 225 -33.80 25.92 6.75
CA GLY B 225 -32.52 25.57 6.17
C GLY B 225 -32.11 26.32 4.93
N ARG B 226 -32.91 27.29 4.46
CA ARG B 226 -32.53 27.99 3.23
C ARG B 226 -31.24 28.77 3.45
N GLY B 227 -30.25 28.52 2.60
CA GLY B 227 -28.93 29.07 2.71
C GLY B 227 -27.93 28.13 3.33
N TYR B 228 -28.39 27.04 3.94
CA TYR B 228 -27.51 26.15 4.70
C TYR B 228 -27.24 24.84 3.98
N ASN B 229 -27.39 24.83 2.66
CA ASN B 229 -27.00 23.72 1.81
C ASN B 229 -26.26 24.31 0.64
N VAL B 230 -24.98 23.96 0.48
CA VAL B 230 -24.12 24.55 -0.54
C VAL B 230 -23.56 23.41 -1.40
N ASN B 231 -24.06 23.31 -2.64
CA ASN B 231 -23.59 22.32 -3.60
C ASN B 231 -22.66 23.00 -4.59
N ILE B 232 -21.44 22.48 -4.70
CA ILE B 232 -20.46 22.98 -5.67
C ILE B 232 -20.26 21.89 -6.72
N PRO B 233 -21.01 21.94 -7.83
CA PRO B 233 -20.99 20.83 -8.79
C PRO B 233 -20.03 21.07 -9.93
N TRP B 234 -19.21 20.08 -10.29
CA TRP B 234 -18.25 20.18 -11.38
C TRP B 234 -18.78 19.52 -12.65
N ASN B 235 -18.56 20.20 -13.78
CA ASN B 235 -18.96 19.70 -15.08
C ASN B 235 -17.82 19.83 -16.07
N GLY B 236 -17.65 18.81 -16.90
CA GLY B 236 -16.78 18.87 -18.06
C GLY B 236 -15.37 19.28 -17.76
N GLY B 237 -14.68 18.49 -16.95
CA GLY B 237 -13.31 18.79 -16.60
C GLY B 237 -12.73 17.80 -15.62
N LYS B 238 -11.47 17.44 -15.82
CA LYS B 238 -10.75 16.58 -14.89
C LYS B 238 -10.24 17.46 -13.77
N MET B 239 -11.04 17.60 -12.72
CA MET B 239 -10.72 18.66 -11.78
C MET B 239 -9.65 18.17 -10.79
N GLY B 240 -8.94 19.11 -10.21
CA GLY B 240 -7.84 18.78 -9.32
C GLY B 240 -7.55 19.90 -8.34
N ASP B 241 -6.29 19.99 -7.91
CA ASP B 241 -5.92 20.95 -6.87
C ASP B 241 -6.32 22.38 -7.20
N PRO B 242 -6.06 22.93 -8.40
CA PRO B 242 -6.38 24.35 -8.61
C PRO B 242 -7.87 24.64 -8.41
N GLU B 243 -8.72 23.73 -8.87
CA GLU B 243 -10.16 23.93 -8.79
C GLU B 243 -10.65 23.81 -7.36
N TYR B 244 -10.16 22.81 -6.64
CA TYR B 244 -10.54 22.64 -5.24
C TYR B 244 -10.03 23.80 -4.40
N MET B 245 -8.83 24.30 -4.71
CA MET B 245 -8.35 25.40 -3.90
C MET B 245 -9.12 26.69 -4.21
N ALA B 246 -9.51 26.87 -5.47
CA ALA B 246 -10.32 28.03 -5.84
C ALA B 246 -11.67 27.98 -5.16
N ALA B 247 -12.28 26.78 -5.13
CA ALA B 247 -13.59 26.64 -4.49
C ALA B 247 -13.51 26.91 -2.98
N PHE B 248 -12.40 26.50 -2.34
CA PHE B 248 -12.23 26.78 -0.92
C PHE B 248 -12.02 28.26 -0.68
N HIS B 249 -11.25 28.92 -1.55
CA HIS B 249 -10.97 30.34 -1.37
C HIS B 249 -12.21 31.19 -1.61
N HIS B 250 -12.98 30.88 -2.64
CA HIS B 250 -14.12 31.74 -3.00
C HIS B 250 -15.40 31.37 -2.27
N LEU B 251 -15.57 30.11 -1.86
CA LEU B 251 -16.87 29.68 -1.35
C LEU B 251 -16.79 29.01 0.02
N VAL B 252 -16.06 27.89 0.12
CA VAL B 252 -16.11 27.08 1.35
C VAL B 252 -15.68 27.91 2.55
N MET B 253 -14.57 28.63 2.42
CA MET B 253 -13.96 29.18 3.63
C MET B 253 -14.71 30.47 4.01
N PRO B 254 -15.07 31.34 3.05
CA PRO B 254 -15.88 32.51 3.43
C PRO B 254 -17.21 32.15 4.06
N ILE B 255 -17.94 31.18 3.49
CA ILE B 255 -19.22 30.77 4.08
C ILE B 255 -18.98 30.16 5.44
N ALA B 256 -18.01 29.24 5.54
CA ALA B 256 -17.74 28.61 6.83
C ALA B 256 -17.42 29.63 7.90
N ARG B 257 -16.61 30.64 7.57
N ARG B 257 -16.62 30.65 7.55
CA ARG B 257 -16.24 31.64 8.57
CA ARG B 257 -16.24 31.64 8.55
C ARG B 257 -17.46 32.41 9.04
C ARG B 257 -17.43 32.46 9.03
N GLU B 258 -18.39 32.72 8.13
CA GLU B 258 -19.57 33.48 8.51
C GLU B 258 -20.50 32.63 9.36
N PHE B 259 -20.61 31.33 9.05
CA PHE B 259 -21.40 30.40 9.84
C PHE B 259 -20.85 30.23 11.24
N ALA B 260 -19.52 30.30 11.39
CA ALA B 260 -18.82 30.18 12.67
C ALA B 260 -19.13 28.84 13.33
N PRO B 261 -18.74 27.72 12.73
CA PRO B 261 -19.09 26.42 13.30
C PRO B 261 -18.39 26.21 14.64
N GLU B 262 -19.02 25.40 15.48
CA GLU B 262 -18.45 24.95 16.74
C GLU B 262 -17.82 23.57 16.63
N LEU B 263 -18.03 22.89 15.51
CA LEU B 263 -17.45 21.60 15.21
C LEU B 263 -17.45 21.45 13.70
N VAL B 264 -16.37 20.91 13.14
CA VAL B 264 -16.26 20.67 11.70
C VAL B 264 -16.13 19.16 11.49
N LEU B 265 -17.01 18.60 10.69
CA LEU B 265 -16.89 17.21 10.26
C LEU B 265 -16.54 17.20 8.79
N VAL B 266 -15.57 16.38 8.40
CA VAL B 266 -15.23 16.23 7.00
C VAL B 266 -15.73 14.86 6.54
N SER B 267 -16.64 14.87 5.59
CA SER B 267 -16.99 13.63 4.88
C SER B 267 -15.87 13.49 3.87
N ALA B 268 -14.81 12.82 4.28
CA ALA B 268 -13.53 12.81 3.57
C ALA B 268 -13.43 11.53 2.74
N GLY B 269 -14.16 11.51 1.63
CA GLY B 269 -13.86 10.52 0.60
C GLY B 269 -12.59 10.91 -0.13
N PHE B 270 -11.83 9.91 -0.58
CA PHE B 270 -10.63 10.22 -1.35
C PHE B 270 -10.75 9.68 -2.76
N ASP B 271 -11.97 9.69 -3.30
CA ASP B 271 -12.18 9.25 -4.67
C ASP B 271 -12.08 10.40 -5.69
N ALA B 272 -11.86 11.65 -5.25
CA ALA B 272 -11.42 12.66 -6.21
C ALA B 272 -9.92 12.62 -6.43
N ALA B 273 -9.23 11.65 -5.84
CA ALA B 273 -7.78 11.62 -5.86
C ALA B 273 -7.25 11.18 -7.21
N ARG B 274 -6.09 11.73 -7.57
CA ARG B 274 -5.32 11.20 -8.66
C ARG B 274 -5.16 9.69 -8.51
N GLY B 275 -5.49 8.96 -9.57
CA GLY B 275 -5.40 7.51 -9.61
C GLY B 275 -6.66 6.76 -9.21
N ASP B 276 -7.69 7.43 -8.72
CA ASP B 276 -8.90 6.71 -8.35
C ASP B 276 -9.51 6.06 -9.59
N PRO B 277 -9.98 4.82 -9.49
CA PRO B 277 -10.55 4.13 -10.66
C PRO B 277 -11.94 4.59 -11.04
N LEU B 278 -12.64 5.31 -10.15
CA LEU B 278 -14.03 5.71 -10.35
C LEU B 278 -14.24 7.21 -10.48
N GLY B 279 -13.46 8.01 -9.76
CA GLY B 279 -13.75 9.44 -9.72
C GLY B 279 -13.36 10.21 -10.97
N GLY B 280 -12.26 9.83 -11.61
CA GLY B 280 -11.81 10.55 -12.80
C GLY B 280 -11.17 11.90 -12.56
N PHE B 281 -10.79 12.23 -11.32
CA PHE B 281 -10.23 13.53 -10.96
C PHE B 281 -8.77 13.34 -10.52
N GLN B 282 -8.13 14.44 -10.13
CA GLN B 282 -6.69 14.39 -9.91
C GLN B 282 -6.24 15.27 -8.75
N VAL B 283 -7.05 15.35 -7.69
CA VAL B 283 -6.58 15.99 -6.45
C VAL B 283 -5.41 15.18 -5.89
N THR B 284 -4.36 15.88 -5.43
CA THR B 284 -3.16 15.22 -4.95
C THR B 284 -3.18 15.10 -3.43
N PRO B 285 -2.31 14.25 -2.85
CA PRO B 285 -2.22 14.21 -1.39
C PRO B 285 -1.88 15.56 -0.80
N GLU B 286 -1.03 16.34 -1.49
CA GLU B 286 -0.70 17.67 -1.02
C GLU B 286 -1.91 18.59 -1.08
N GLY B 287 -2.76 18.40 -2.10
CA GLY B 287 -4.00 19.15 -2.17
C GLY B 287 -4.90 18.89 -0.99
N TYR B 288 -5.12 17.61 -0.66
CA TYR B 288 -5.94 17.29 0.51
C TYR B 288 -5.32 17.83 1.79
N ALA B 289 -3.99 17.83 1.88
CA ALA B 289 -3.34 18.44 3.05
C ALA B 289 -3.69 19.92 3.15
N HIS B 290 -3.69 20.62 2.01
CA HIS B 290 -4.01 22.05 2.07
C HIS B 290 -5.47 22.29 2.40
N LEU B 291 -6.39 21.46 1.87
CA LEU B 291 -7.79 21.60 2.27
C LEU B 291 -7.96 21.37 3.77
N THR B 292 -7.28 20.35 4.32
CA THR B 292 -7.35 20.09 5.75
C THR B 292 -6.85 21.28 6.54
N HIS B 293 -5.69 21.82 6.13
CA HIS B 293 -5.06 22.89 6.88
C HIS B 293 -5.95 24.13 6.93
N GLN B 294 -6.68 24.39 5.85
CA GLN B 294 -7.62 25.50 5.83
C GLN B 294 -8.76 25.27 6.82
N LEU B 295 -9.36 24.07 6.83
CA LEU B 295 -10.47 23.83 7.74
C LEU B 295 -10.02 23.92 9.21
N MET B 296 -8.74 23.69 9.47
CA MET B 296 -8.19 23.73 10.82
C MET B 296 -8.31 25.12 11.45
N SER B 297 -8.49 26.15 10.62
CA SER B 297 -8.66 27.52 11.07
C SER B 297 -10.06 27.80 11.58
N LEU B 298 -10.97 26.84 11.50
CA LEU B 298 -12.36 26.98 11.92
C LEU B 298 -12.59 26.24 13.22
N ALA B 299 -13.64 26.66 13.94
CA ALA B 299 -14.13 25.96 15.13
C ALA B 299 -13.05 25.76 16.18
N ALA B 300 -12.12 26.71 16.30
CA ALA B 300 -11.01 26.61 17.26
C ALA B 300 -10.22 25.33 17.03
N GLY B 301 -10.22 24.85 15.79
CA GLY B 301 -9.46 23.68 15.44
C GLY B 301 -10.19 22.36 15.60
N ARG B 302 -11.46 22.37 15.96
CA ARG B 302 -12.20 21.14 16.27
C ARG B 302 -12.68 20.52 14.96
N VAL B 303 -11.83 19.65 14.40
CA VAL B 303 -12.06 19.03 13.10
C VAL B 303 -12.00 17.52 13.27
N LEU B 304 -13.01 16.81 12.76
CA LEU B 304 -13.02 15.35 12.68
C LEU B 304 -13.08 14.94 11.20
N ILE B 305 -12.06 14.19 10.76
CA ILE B 305 -11.98 13.71 9.38
C ILE B 305 -12.51 12.29 9.33
N ILE B 306 -13.59 12.07 8.57
CA ILE B 306 -14.30 10.80 8.50
C ILE B 306 -14.15 10.19 7.12
N LEU B 307 -13.58 8.98 7.04
CA LEU B 307 -13.43 8.32 5.75
C LEU B 307 -14.78 8.01 5.12
N GLU B 308 -14.95 8.43 3.86
CA GLU B 308 -16.10 8.08 3.05
C GLU B 308 -15.65 7.10 1.96
N GLY B 309 -15.68 7.51 0.70
CA GLY B 309 -15.21 6.68 -0.40
C GLY B 309 -13.73 6.87 -0.69
N GLY B 310 -13.33 6.43 -1.88
CA GLY B 310 -11.94 6.47 -2.27
C GLY B 310 -11.47 5.04 -2.47
N TYR B 311 -11.03 4.71 -3.69
CA TYR B 311 -10.90 3.32 -4.08
C TYR B 311 -9.54 2.91 -4.65
N ASN B 312 -8.58 3.83 -4.78
CA ASN B 312 -7.24 3.41 -5.16
C ASN B 312 -6.49 3.30 -3.83
N LEU B 313 -6.11 2.08 -3.46
CA LEU B 313 -5.62 1.85 -2.09
C LEU B 313 -4.39 2.69 -1.79
N THR B 314 -3.49 2.84 -2.76
CA THR B 314 -2.31 3.69 -2.54
C THR B 314 -2.70 5.16 -2.42
N SER B 315 -3.58 5.64 -3.31
CA SER B 315 -4.00 7.04 -3.27
C SER B 315 -4.68 7.41 -1.95
N ILE B 316 -5.64 6.60 -1.50
CA ILE B 316 -6.36 6.95 -0.27
C ILE B 316 -5.43 6.87 0.92
N SER B 317 -4.46 5.95 0.89
CA SER B 317 -3.54 5.82 2.02
C SER B 317 -2.62 7.02 2.13
N GLU B 318 -2.05 7.44 0.99
CA GLU B 318 -1.24 8.65 0.99
C GLU B 318 -2.07 9.87 1.33
N SER B 319 -3.29 9.96 0.79
CA SER B 319 -4.06 11.18 0.93
C SER B 319 -4.55 11.36 2.36
N MET B 320 -5.13 10.31 2.97
CA MET B 320 -5.60 10.47 4.34
C MET B 320 -4.44 10.70 5.31
N SER B 321 -3.30 10.03 5.10
CA SER B 321 -2.16 10.23 5.99
CA SER B 321 -2.17 10.23 6.01
C SER B 321 -1.67 11.67 5.96
N MET B 322 -1.69 12.29 4.78
CA MET B 322 -1.31 13.70 4.68
C MET B 322 -2.25 14.57 5.49
N CYS B 323 -3.56 14.25 5.49
CA CYS B 323 -4.51 14.99 6.31
C CYS B 323 -4.19 14.85 7.80
N THR B 324 -3.86 13.64 8.25
CA THR B 324 -3.51 13.45 9.65
C THR B 324 -2.25 14.23 10.00
N SER B 325 -1.24 14.18 9.13
CA SER B 325 -0.05 15.01 9.30
C SER B 325 -0.43 16.46 9.53
N MET B 326 -1.45 16.93 8.82
CA MET B 326 -1.83 18.33 8.93
C MET B 326 -2.45 18.58 10.30
N LEU B 327 -3.35 17.68 10.72
CA LEU B 327 -3.99 17.78 12.05
C LEU B 327 -2.96 17.77 13.18
N LEU B 328 -1.86 17.03 12.99
CA LEU B 328 -0.80 16.95 13.99
C LEU B 328 0.04 18.22 14.06
N GLY B 329 -0.19 19.17 13.17
CA GLY B 329 0.51 20.43 13.18
C GLY B 329 1.67 20.54 12.22
N ASP B 330 1.88 19.53 11.37
CA ASP B 330 3.00 19.58 10.45
C ASP B 330 2.79 20.67 9.40
N SER B 331 3.89 21.18 8.88
CA SER B 331 3.81 22.28 7.91
C SER B 331 3.24 21.80 6.59
N PRO B 332 2.36 22.56 5.96
CA PRO B 332 1.76 22.14 4.68
C PRO B 332 2.82 21.95 3.62
N PRO B 333 2.74 20.88 2.84
CA PRO B 333 3.72 20.64 1.78
C PRO B 333 3.50 21.58 0.60
N SER B 334 4.47 21.58 -0.31
N SER B 334 4.47 21.58 -0.31
CA SER B 334 4.38 22.42 -1.51
CA SER B 334 4.38 22.42 -1.51
C SER B 334 3.38 21.82 -2.49
C SER B 334 3.38 21.82 -2.49
N LEU B 335 2.62 22.70 -3.16
CA LEU B 335 1.71 22.28 -4.22
C LEU B 335 2.42 22.37 -5.58
N ASP B 336 1.81 21.73 -6.59
CA ASP B 336 2.34 21.81 -7.95
C ASP B 336 1.69 22.98 -8.67
N THR B 339 -1.17 25.55 -12.36
CA THR B 339 -2.09 25.16 -13.43
C THR B 339 -3.29 26.10 -13.46
N PRO B 340 -3.59 26.65 -14.64
CA PRO B 340 -4.74 27.56 -14.75
C PRO B 340 -6.03 26.81 -14.44
N LEU B 341 -6.94 27.50 -13.74
CA LEU B 341 -8.27 26.95 -13.54
C LEU B 341 -8.88 26.54 -14.85
N LYS B 342 -9.47 25.35 -14.86
CA LYS B 342 -10.35 24.99 -15.95
C LYS B 342 -11.54 25.93 -15.93
N THR B 343 -11.85 26.51 -17.09
CA THR B 343 -12.83 27.58 -17.09
C THR B 343 -14.21 27.10 -16.65
N SER B 344 -14.55 25.83 -16.89
CA SER B 344 -15.84 25.35 -16.39
C SER B 344 -15.87 25.34 -14.87
N ALA B 345 -14.70 25.23 -14.22
CA ALA B 345 -14.67 25.32 -12.77
C ALA B 345 -14.99 26.74 -12.30
N THR B 346 -14.51 27.75 -13.04
CA THR B 346 -14.86 29.12 -12.72
C THR B 346 -16.35 29.37 -12.94
N VAL B 347 -16.91 28.75 -13.98
CA VAL B 347 -18.35 28.82 -14.22
C VAL B 347 -19.12 28.23 -13.04
N SER B 348 -18.70 27.05 -12.59
CA SER B 348 -19.36 26.42 -11.44
C SER B 348 -19.27 27.31 -10.20
N ILE B 349 -18.07 27.85 -9.92
CA ILE B 349 -17.89 28.70 -8.75
C ILE B 349 -18.77 29.93 -8.83
N ASN B 350 -18.89 30.52 -10.03
CA ASN B 350 -19.73 31.71 -10.21
C ASN B 350 -21.22 31.39 -10.03
N ASN B 351 -21.65 30.22 -10.50
CA ASN B 351 -23.04 29.79 -10.30
C ASN B 351 -23.37 29.68 -8.81
N VAL B 352 -22.46 29.09 -8.02
CA VAL B 352 -22.71 28.95 -6.59
C VAL B 352 -22.67 30.32 -5.91
N LEU B 353 -21.75 31.19 -6.32
CA LEU B 353 -21.67 32.54 -5.76
C LEU B 353 -22.99 33.28 -5.96
N ARG B 354 -23.55 33.21 -7.17
CA ARG B 354 -24.81 33.87 -7.46
C ARG B 354 -25.94 33.28 -6.63
N ALA B 355 -25.90 31.97 -6.40
CA ALA B 355 -26.97 31.31 -5.67
C ALA B 355 -26.93 31.61 -4.18
N HIS B 356 -25.73 31.86 -3.62
CA HIS B 356 -25.60 31.96 -2.18
C HIS B 356 -25.26 33.37 -1.66
N ALA B 357 -24.88 34.29 -2.53
CA ALA B 357 -24.68 35.67 -2.10
C ALA B 357 -25.91 36.25 -1.39
N PRO B 358 -27.15 35.88 -1.77
CA PRO B 358 -28.30 36.35 -1.00
C PRO B 358 -28.27 35.95 0.46
N PHE B 359 -27.60 34.84 0.80
CA PHE B 359 -27.60 34.29 2.15
C PHE B 359 -26.33 34.57 2.95
N TRP B 360 -25.22 34.84 2.28
CA TRP B 360 -23.92 34.97 2.94
C TRP B 360 -23.29 36.29 2.50
N SER B 361 -23.25 37.27 3.40
CA SER B 361 -22.76 38.59 3.02
C SER B 361 -21.29 38.55 2.64
N SER B 362 -20.53 37.62 3.22
CA SER B 362 -19.12 37.44 2.87
C SER B 362 -18.89 37.18 1.38
N LEU B 363 -19.91 36.81 0.63
CA LEU B 363 -19.75 36.55 -0.79
C LEU B 363 -20.03 37.81 -1.62
#